data_3PJZ
#
_entry.id   3PJZ
#
_cell.length_a   91.489
_cell.length_b   97.406
_cell.length_c   195.653
_cell.angle_alpha   90.000
_cell.angle_beta   90.000
_cell.angle_gamma   90.000
#
_symmetry.space_group_name_H-M   'P 21 21 21'
#
loop_
_entity.id
_entity.type
_entity.pdbx_description
1 polymer 'Potassium uptake protein TrkH'
2 non-polymer 'POTASSIUM ION'
#
_entity_poly.entity_id   1
_entity_poly.type   'polypeptide(L)'
_entity_poly.pdbx_seq_one_letter_code
;MQFRSIIRIVGLLLALFSVTMLAPALVALLYRDGAGVPFVTTFFVLLFCGAMCWFPNRRHKHELKSRDGFLIVVLFWTVL
GSAGSLPFLIADNPNISVTDAFFESFSALTTTGATVIVGLDELPKAILFYRQFLQWFGGMGIIVLAVAILPVLGIGGMQL
YRAEIPGPVKDTKMTPRIAETAKALWYIYLSLTIACAVAFWLAGMTPFDAISHSFSTIAIGGFSTHDASMGYFDSYAINL
ITVVFLLISACNFTLHFAAFASGGVHPKYYWKDPEFRAFIFIQVLLFLVCFLLLLKHHSYTSPYDAFDQALFQTVSISTT
AGFTTTGFADWPLFLPVLLLFSSFIGGCAGSTGGGMKVIRILLLTLQGARELKRLVHPRAVYTIKVGGSALPQRVVDAVW
GFFSAYALVFVVCMLGLIATGMDELSAFSAVAATLNNLGPGLGEVALHFGDVNDKAKWVLIVSMLFGRLEIFTLLILLTP
TFWRSAAAENLYFQ
;
_entity_poly.pdbx_strand_id   A,B
#
loop_
_chem_comp.id
_chem_comp.type
_chem_comp.name
_chem_comp.formula
K non-polymer 'POTASSIUM ION' 'K 1'
#
# COMPACT_ATOMS: atom_id res chain seq x y z
N MET A 1 4.41 -32.50 -17.58
CA MET A 1 3.59 -31.32 -17.82
C MET A 1 2.19 -31.71 -18.29
N GLN A 2 2.11 -32.67 -19.20
CA GLN A 2 0.83 -33.26 -19.61
C GLN A 2 -0.05 -32.31 -20.40
N PHE A 3 0.58 -31.46 -21.22
CA PHE A 3 -0.13 -30.46 -21.99
C PHE A 3 -1.39 -30.99 -22.62
N ARG A 4 -1.24 -32.05 -23.40
CA ARG A 4 -2.37 -32.70 -24.03
C ARG A 4 -3.61 -32.72 -23.14
N SER A 5 -3.55 -33.49 -22.06
CA SER A 5 -4.72 -33.67 -21.22
C SER A 5 -5.35 -32.33 -20.80
N ILE A 6 -4.57 -31.25 -20.89
CA ILE A 6 -5.08 -29.90 -20.61
C ILE A 6 -5.94 -29.41 -21.77
N ILE A 7 -5.34 -29.28 -22.95
CA ILE A 7 -6.03 -28.85 -24.16
C ILE A 7 -7.35 -29.58 -24.34
N ARG A 8 -7.47 -30.74 -23.71
CA ARG A 8 -8.68 -31.56 -23.78
C ARG A 8 -9.79 -30.94 -22.94
N ILE A 9 -9.44 -30.46 -21.75
CA ILE A 9 -10.44 -29.87 -20.87
C ILE A 9 -10.74 -28.46 -21.34
N VAL A 10 -9.84 -27.92 -22.14
CA VAL A 10 -10.08 -26.62 -22.75
C VAL A 10 -11.19 -26.80 -23.78
N GLY A 11 -11.05 -27.79 -24.64
CA GLY A 11 -12.10 -28.12 -25.59
C GLY A 11 -13.41 -28.48 -24.91
N LEU A 12 -13.31 -29.08 -23.75
CA LEU A 12 -14.50 -29.42 -22.97
C LEU A 12 -15.18 -28.18 -22.48
N LEU A 13 -14.39 -27.20 -22.04
CA LEU A 13 -14.93 -25.93 -21.53
C LEU A 13 -15.42 -25.02 -22.65
N LEU A 14 -14.55 -24.76 -23.63
CA LEU A 14 -14.96 -24.04 -24.82
C LEU A 14 -16.30 -24.57 -25.27
N ALA A 15 -16.38 -25.87 -25.51
CA ALA A 15 -17.62 -26.48 -25.97
C ALA A 15 -18.72 -26.31 -24.94
N LEU A 16 -18.41 -26.63 -23.68
CA LEU A 16 -19.35 -26.53 -22.57
C LEU A 16 -19.82 -25.10 -22.37
N PHE A 17 -19.05 -24.17 -22.90
CA PHE A 17 -19.37 -22.75 -22.84
C PHE A 17 -20.35 -22.35 -23.93
N SER A 18 -20.07 -22.78 -25.16
CA SER A 18 -20.92 -22.48 -26.33
C SER A 18 -22.38 -22.77 -26.04
N VAL A 19 -22.62 -23.88 -25.37
CA VAL A 19 -23.98 -24.28 -25.01
C VAL A 19 -24.67 -23.24 -24.14
N THR A 20 -23.92 -22.26 -23.66
CA THR A 20 -24.51 -21.18 -22.90
C THR A 20 -24.95 -20.03 -23.82
N MET A 21 -24.26 -19.86 -24.94
CA MET A 21 -24.53 -18.75 -25.86
C MET A 21 -25.97 -18.77 -26.33
N LEU A 22 -26.66 -19.87 -26.07
CA LEU A 22 -28.05 -20.04 -26.49
C LEU A 22 -29.02 -19.30 -25.58
N ALA A 23 -28.79 -19.37 -24.27
CA ALA A 23 -29.65 -18.70 -23.29
C ALA A 23 -29.91 -17.22 -23.62
N PRO A 24 -28.86 -16.47 -24.02
CA PRO A 24 -29.07 -15.08 -24.42
C PRO A 24 -29.80 -15.00 -25.77
N ALA A 25 -29.46 -15.87 -26.70
CA ALA A 25 -30.14 -15.89 -28.01
C ALA A 25 -31.61 -16.26 -27.84
N LEU A 26 -31.89 -17.10 -26.86
CA LEU A 26 -33.24 -17.48 -26.52
C LEU A 26 -34.03 -16.22 -26.21
N VAL A 27 -33.32 -15.19 -25.75
CA VAL A 27 -33.93 -13.92 -25.37
C VAL A 27 -34.07 -12.97 -26.55
N ALA A 28 -33.12 -13.03 -27.48
CA ALA A 28 -33.20 -12.21 -28.68
C ALA A 28 -34.23 -12.79 -29.64
N LEU A 29 -34.88 -13.87 -29.22
CA LEU A 29 -35.99 -14.42 -29.98
C LEU A 29 -37.25 -14.13 -29.20
N LEU A 30 -37.26 -14.49 -27.93
CA LEU A 30 -38.39 -14.18 -27.07
C LEU A 30 -38.63 -12.67 -26.99
N TYR A 31 -37.70 -11.96 -26.35
CA TYR A 31 -37.84 -10.53 -26.17
C TYR A 31 -37.64 -9.78 -27.49
N ARG A 32 -38.66 -9.03 -27.86
CA ARG A 32 -38.59 -8.07 -28.95
C ARG A 32 -37.52 -8.39 -29.99
N ASP A 33 -36.73 -7.37 -30.33
CA ASP A 33 -35.51 -7.51 -31.10
C ASP A 33 -35.59 -8.49 -32.29
N GLY A 34 -34.60 -9.37 -32.39
CA GLY A 34 -34.37 -10.24 -33.54
C GLY A 34 -32.90 -10.21 -33.86
N ALA A 35 -32.18 -9.29 -33.19
CA ALA A 35 -30.75 -9.06 -33.37
C ALA A 35 -29.87 -9.68 -32.26
N GLY A 36 -30.04 -10.98 -32.05
CA GLY A 36 -29.19 -11.76 -31.18
C GLY A 36 -28.62 -12.89 -31.99
N VAL A 37 -28.43 -12.60 -33.27
CA VAL A 37 -27.77 -13.51 -34.21
C VAL A 37 -26.29 -13.72 -33.93
N PRO A 38 -25.59 -12.71 -33.36
CA PRO A 38 -24.17 -12.83 -33.05
C PRO A 38 -23.86 -13.85 -31.95
N PHE A 39 -24.91 -14.29 -31.24
CA PHE A 39 -24.81 -15.35 -30.24
C PHE A 39 -24.86 -16.72 -30.90
N VAL A 40 -25.76 -16.84 -31.87
CA VAL A 40 -25.86 -18.07 -32.63
C VAL A 40 -24.65 -18.26 -33.53
N THR A 41 -24.02 -17.17 -33.94
CA THR A 41 -22.76 -17.29 -34.68
C THR A 41 -21.70 -17.75 -33.70
N THR A 42 -21.62 -17.07 -32.56
CA THR A 42 -20.71 -17.43 -31.50
C THR A 42 -20.88 -18.90 -31.09
N PHE A 43 -22.13 -19.32 -31.00
CA PHE A 43 -22.45 -20.69 -30.60
C PHE A 43 -21.84 -21.75 -31.48
N PHE A 44 -21.82 -21.52 -32.79
CA PHE A 44 -21.18 -22.41 -33.72
C PHE A 44 -19.70 -22.12 -33.74
N VAL A 45 -19.37 -20.85 -33.65
CA VAL A 45 -17.98 -20.43 -33.72
C VAL A 45 -17.18 -21.15 -32.65
N LEU A 46 -17.69 -21.18 -31.44
CA LEU A 46 -16.98 -21.74 -30.30
C LEU A 46 -17.23 -23.24 -30.14
N LEU A 47 -18.45 -23.66 -30.45
CA LEU A 47 -18.80 -25.07 -30.37
C LEU A 47 -17.84 -25.83 -31.25
N PHE A 48 -17.48 -25.20 -32.36
CA PHE A 48 -16.58 -25.77 -33.33
C PHE A 48 -15.16 -25.88 -32.78
N CYS A 49 -14.65 -24.78 -32.21
CA CYS A 49 -13.32 -24.76 -31.65
C CYS A 49 -13.19 -25.83 -30.57
N GLY A 50 -14.09 -25.80 -29.61
CA GLY A 50 -14.06 -26.76 -28.51
C GLY A 50 -13.69 -28.13 -29.00
N ALA A 51 -14.58 -28.74 -29.77
CA ALA A 51 -14.36 -30.08 -30.30
C ALA A 51 -13.36 -30.03 -31.44
N MET A 52 -12.18 -29.50 -31.14
CA MET A 52 -11.09 -29.41 -32.10
C MET A 52 -9.84 -29.26 -31.27
N CYS A 53 -10.06 -29.14 -29.96
CA CYS A 53 -9.02 -29.21 -28.96
C CYS A 53 -9.21 -30.53 -28.24
N TRP A 54 -10.41 -31.08 -28.35
CA TRP A 54 -10.79 -32.26 -27.58
C TRP A 54 -10.89 -33.52 -28.40
N PHE A 55 -11.07 -33.38 -29.70
CA PHE A 55 -11.09 -34.55 -30.57
C PHE A 55 -9.68 -35.06 -30.90
N PRO A 56 -8.79 -34.15 -31.33
CA PRO A 56 -7.41 -34.58 -31.58
C PRO A 56 -6.75 -35.02 -30.27
N ASN A 57 -7.56 -35.42 -29.30
CA ASN A 57 -7.08 -35.75 -27.97
C ASN A 57 -7.67 -37.03 -27.37
N ARG A 58 -8.63 -36.84 -26.47
CA ARG A 58 -9.23 -37.95 -25.70
C ARG A 58 -8.13 -38.73 -24.95
N ARG A 59 -7.66 -38.11 -23.86
CA ARG A 59 -6.53 -38.59 -23.06
C ARG A 59 -6.61 -38.08 -21.60
N HIS A 60 -7.43 -38.73 -20.77
CA HIS A 60 -7.65 -38.36 -19.37
C HIS A 60 -6.47 -38.79 -18.52
N LYS A 61 -5.54 -37.89 -18.24
CA LYS A 61 -4.34 -38.25 -17.48
C LYS A 61 -4.43 -37.98 -15.97
N HIS A 62 -5.58 -37.49 -15.53
CA HIS A 62 -5.89 -37.24 -14.11
C HIS A 62 -4.82 -36.54 -13.27
N GLU A 63 -5.27 -35.65 -12.39
CA GLU A 63 -4.39 -34.80 -11.59
C GLU A 63 -3.22 -34.26 -12.40
N LEU A 64 -2.10 -34.96 -12.32
CA LEU A 64 -0.88 -34.59 -13.04
C LEU A 64 -0.07 -33.58 -12.24
N LYS A 65 -0.19 -33.67 -10.92
CA LYS A 65 0.65 -32.91 -10.01
C LYS A 65 0.28 -31.43 -9.95
N SER A 66 1.17 -30.65 -9.35
CA SER A 66 0.95 -29.23 -9.12
C SER A 66 0.91 -28.45 -10.43
N ARG A 67 2.02 -28.50 -11.17
CA ARG A 67 2.23 -27.64 -12.32
C ARG A 67 1.13 -27.69 -13.40
N ASP A 68 0.19 -28.60 -13.27
CA ASP A 68 -0.89 -28.65 -14.24
C ASP A 68 -2.07 -27.83 -13.76
N GLY A 69 -2.53 -28.13 -12.55
CA GLY A 69 -3.66 -27.42 -11.96
C GLY A 69 -3.55 -25.92 -12.09
N PHE A 70 -2.38 -25.40 -11.77
CA PHE A 70 -2.13 -23.97 -11.91
C PHE A 70 -2.42 -23.57 -13.31
N LEU A 71 -1.73 -24.20 -14.26
CA LEU A 71 -1.93 -23.84 -15.64
C LEU A 71 -3.41 -23.90 -16.06
N ILE A 72 -4.18 -24.80 -15.44
CA ILE A 72 -5.60 -24.96 -15.79
C ILE A 72 -6.48 -23.76 -15.45
N VAL A 73 -6.52 -23.38 -14.18
CA VAL A 73 -7.36 -22.26 -13.76
C VAL A 73 -6.95 -20.97 -14.43
N VAL A 74 -5.66 -20.85 -14.76
CA VAL A 74 -5.22 -19.72 -15.55
C VAL A 74 -5.93 -19.76 -16.90
N LEU A 75 -5.87 -20.90 -17.57
CA LEU A 75 -6.55 -21.03 -18.85
C LEU A 75 -8.05 -20.86 -18.71
N PHE A 76 -8.65 -21.53 -17.72
CA PHE A 76 -10.07 -21.34 -17.49
C PHE A 76 -10.49 -19.88 -17.66
N TRP A 77 -9.98 -19.02 -16.78
CA TRP A 77 -10.28 -17.60 -16.85
C TRP A 77 -9.72 -16.94 -18.11
N THR A 78 -8.51 -17.31 -18.50
CA THR A 78 -7.91 -16.73 -19.69
C THR A 78 -8.74 -16.95 -20.95
N VAL A 79 -9.15 -18.19 -21.17
CA VAL A 79 -9.85 -18.54 -22.41
C VAL A 79 -11.31 -18.14 -22.38
N LEU A 80 -12.08 -18.72 -21.46
CA LEU A 80 -13.50 -18.38 -21.36
C LEU A 80 -13.77 -16.86 -21.26
N GLY A 81 -12.76 -16.10 -20.88
CA GLY A 81 -12.87 -14.66 -20.83
C GLY A 81 -12.67 -14.07 -22.21
N SER A 82 -11.79 -14.67 -22.99
CA SER A 82 -11.58 -14.27 -24.38
C SER A 82 -12.78 -14.61 -25.26
N ALA A 83 -13.26 -15.84 -25.18
CA ALA A 83 -14.47 -16.20 -25.88
C ALA A 83 -15.54 -15.15 -25.63
N GLY A 84 -15.81 -14.88 -24.36
CA GLY A 84 -16.86 -13.94 -23.98
C GLY A 84 -16.92 -12.66 -24.80
N SER A 85 -15.75 -12.24 -25.26
CA SER A 85 -15.64 -11.02 -26.04
C SER A 85 -16.07 -11.25 -27.47
N LEU A 86 -16.79 -12.35 -27.74
CA LEU A 86 -17.17 -12.62 -29.12
C LEU A 86 -18.52 -12.04 -29.51
N PRO A 87 -19.59 -12.36 -28.74
CA PRO A 87 -20.89 -11.76 -29.01
C PRO A 87 -20.87 -10.22 -28.99
N PHE A 88 -19.90 -9.66 -28.26
CA PHE A 88 -19.74 -8.22 -28.24
C PHE A 88 -19.12 -7.84 -29.56
N LEU A 89 -17.95 -8.40 -29.84
CA LEU A 89 -17.25 -8.21 -31.10
C LEU A 89 -18.20 -8.31 -32.30
N ILE A 90 -18.90 -9.45 -32.40
CA ILE A 90 -19.79 -9.73 -33.54
C ILE A 90 -20.96 -8.78 -33.58
N ALA A 91 -21.79 -8.87 -32.54
CA ALA A 91 -22.98 -8.05 -32.40
C ALA A 91 -22.63 -6.60 -32.39
N ASP A 92 -22.08 -6.12 -33.51
CA ASP A 92 -21.83 -4.70 -33.66
C ASP A 92 -23.18 -4.00 -33.90
N ASN A 93 -24.13 -4.34 -33.03
CA ASN A 93 -25.45 -3.71 -32.98
C ASN A 93 -25.50 -2.68 -31.84
N PRO A 94 -25.27 -3.14 -30.59
CA PRO A 94 -24.84 -2.25 -29.51
C PRO A 94 -23.34 -2.12 -29.66
N ASN A 95 -22.94 -1.84 -30.89
CA ASN A 95 -21.56 -1.98 -31.39
C ASN A 95 -20.44 -1.43 -30.50
N ILE A 96 -19.47 -2.29 -30.21
CA ILE A 96 -18.39 -1.94 -29.31
C ILE A 96 -17.01 -2.16 -29.94
N SER A 97 -16.02 -1.47 -29.40
CA SER A 97 -14.62 -1.64 -29.76
C SER A 97 -14.14 -3.08 -29.50
N VAL A 98 -12.87 -3.35 -29.77
CA VAL A 98 -12.34 -4.71 -29.59
C VAL A 98 -11.77 -4.87 -28.19
N THR A 99 -10.92 -3.93 -27.78
CA THR A 99 -10.44 -3.93 -26.43
C THR A 99 -11.63 -3.71 -25.54
N ASP A 100 -12.59 -2.90 -25.98
CA ASP A 100 -13.82 -2.69 -25.21
C ASP A 100 -14.55 -4.03 -25.00
N ALA A 101 -14.73 -4.78 -26.09
CA ALA A 101 -15.44 -6.06 -26.03
C ALA A 101 -14.75 -7.02 -25.07
N PHE A 102 -13.43 -7.08 -25.16
CA PHE A 102 -12.62 -7.87 -24.24
C PHE A 102 -12.72 -7.45 -22.79
N PHE A 103 -12.72 -6.13 -22.58
CA PHE A 103 -12.78 -5.57 -21.25
C PHE A 103 -14.15 -5.86 -20.72
N GLU A 104 -15.17 -5.42 -21.45
CA GLU A 104 -16.53 -5.61 -21.00
C GLU A 104 -16.88 -7.07 -20.88
N SER A 105 -15.97 -7.95 -21.29
CA SER A 105 -16.14 -9.40 -21.17
C SER A 105 -15.45 -9.97 -19.94
N PHE A 106 -14.15 -9.73 -19.85
CA PHE A 106 -13.33 -10.16 -18.71
C PHE A 106 -13.88 -9.60 -17.43
N SER A 107 -14.33 -8.36 -17.50
CA SER A 107 -14.90 -7.73 -16.34
C SER A 107 -16.23 -8.37 -16.05
N ALA A 108 -16.94 -8.80 -17.08
CA ALA A 108 -18.22 -9.47 -16.87
C ALA A 108 -18.03 -10.82 -16.23
N LEU A 109 -17.08 -11.59 -16.77
CA LEU A 109 -16.79 -12.95 -16.30
C LEU A 109 -16.26 -13.02 -14.86
N THR A 110 -15.32 -12.13 -14.57
CA THR A 110 -14.56 -12.14 -13.34
C THR A 110 -15.37 -11.58 -12.16
N THR A 111 -16.69 -11.45 -12.32
CA THR A 111 -17.49 -10.67 -11.36
C THR A 111 -16.74 -9.45 -10.80
N THR A 112 -16.09 -8.71 -11.71
CA THR A 112 -15.45 -7.45 -11.37
C THR A 112 -16.53 -6.38 -11.35
N GLY A 113 -17.07 -6.05 -12.53
CA GLY A 113 -18.18 -5.11 -12.60
C GLY A 113 -17.83 -3.77 -13.19
N ALA A 114 -16.80 -3.73 -14.02
CA ALA A 114 -16.39 -2.48 -14.64
C ALA A 114 -16.77 -2.41 -16.12
N THR A 115 -17.47 -1.34 -16.49
CA THR A 115 -18.08 -1.26 -17.82
C THR A 115 -17.40 -0.23 -18.71
N VAL A 116 -17.32 -0.54 -20.00
CA VAL A 116 -16.81 0.41 -20.97
C VAL A 116 -17.88 0.78 -21.97
N ILE A 117 -18.98 0.01 -21.96
CA ILE A 117 -20.12 0.32 -22.81
C ILE A 117 -21.07 1.21 -22.01
N VAL A 118 -21.36 2.40 -22.51
CA VAL A 118 -22.27 3.27 -21.77
C VAL A 118 -23.57 3.52 -22.55
N GLY A 119 -24.63 3.94 -21.85
CA GLY A 119 -25.95 4.02 -22.45
C GLY A 119 -26.47 2.62 -22.68
N LEU A 120 -26.39 1.79 -21.66
CA LEU A 120 -26.83 0.41 -21.77
C LEU A 120 -28.29 0.30 -21.39
N ASP A 121 -28.82 1.38 -20.81
CA ASP A 121 -30.24 1.45 -20.46
C ASP A 121 -31.15 0.91 -21.56
N GLU A 122 -31.05 1.50 -22.75
CA GLU A 122 -31.83 1.07 -23.90
C GLU A 122 -30.98 0.26 -24.89
N LEU A 123 -30.87 -1.03 -24.64
CA LEU A 123 -30.10 -1.90 -25.49
C LEU A 123 -30.92 -3.16 -25.80
N PRO A 124 -30.44 -3.97 -26.76
CA PRO A 124 -30.99 -5.31 -26.97
C PRO A 124 -30.93 -6.11 -25.67
N LYS A 125 -32.00 -6.80 -25.33
CA LYS A 125 -32.09 -7.51 -24.06
C LYS A 125 -31.43 -8.88 -24.14
N ALA A 126 -30.95 -9.22 -25.34
CA ALA A 126 -30.14 -10.39 -25.50
C ALA A 126 -28.71 -10.05 -25.08
N ILE A 127 -28.28 -8.82 -25.41
CA ILE A 127 -26.96 -8.31 -25.03
C ILE A 127 -26.90 -7.86 -23.58
N LEU A 128 -27.98 -7.25 -23.12
CA LEU A 128 -28.08 -6.86 -21.74
C LEU A 128 -28.03 -8.10 -20.86
N PHE A 129 -28.73 -9.14 -21.27
CA PHE A 129 -28.74 -10.44 -20.57
C PHE A 129 -27.35 -11.10 -20.54
N TYR A 130 -26.77 -11.28 -21.71
CA TYR A 130 -25.43 -11.83 -21.82
C TYR A 130 -24.45 -11.21 -20.85
N ARG A 131 -24.56 -9.91 -20.62
CA ARG A 131 -23.69 -9.24 -19.63
C ARG A 131 -23.91 -9.75 -18.20
N GLN A 132 -25.17 -9.90 -17.80
CA GLN A 132 -25.49 -10.35 -16.44
C GLN A 132 -25.17 -11.82 -16.30
N PHE A 133 -25.38 -12.56 -17.38
CA PHE A 133 -25.14 -14.00 -17.37
C PHE A 133 -23.68 -14.31 -17.04
N LEU A 134 -22.77 -13.81 -17.87
CA LEU A 134 -21.34 -14.00 -17.66
C LEU A 134 -20.91 -13.79 -16.20
N GLN A 135 -21.58 -12.87 -15.51
CA GLN A 135 -21.28 -12.62 -14.11
C GLN A 135 -21.79 -13.79 -13.28
N TRP A 136 -23.01 -14.22 -13.57
CA TRP A 136 -23.66 -15.31 -12.85
C TRP A 136 -22.86 -16.58 -13.02
N PHE A 137 -22.40 -16.80 -14.23
CA PHE A 137 -21.54 -17.93 -14.55
C PHE A 137 -20.22 -17.81 -13.78
N GLY A 138 -19.42 -16.80 -14.12
CA GLY A 138 -18.17 -16.57 -13.40
C GLY A 138 -18.36 -16.72 -11.90
N GLY A 139 -19.53 -16.31 -11.43
CA GLY A 139 -19.87 -16.43 -10.03
C GLY A 139 -19.75 -17.87 -9.60
N MET A 140 -20.21 -18.78 -10.46
CA MET A 140 -20.10 -20.20 -10.17
C MET A 140 -18.64 -20.59 -10.27
N GLY A 141 -18.02 -20.13 -11.34
CA GLY A 141 -16.63 -20.43 -11.62
C GLY A 141 -15.73 -20.20 -10.42
N ILE A 142 -16.20 -19.42 -9.45
CA ILE A 142 -15.35 -19.10 -8.30
C ILE A 142 -15.56 -20.02 -7.10
N ILE A 143 -16.81 -20.32 -6.77
CA ILE A 143 -17.10 -21.18 -5.61
C ILE A 143 -16.62 -22.61 -5.78
N VAL A 144 -16.81 -23.17 -6.97
CA VAL A 144 -16.27 -24.50 -7.28
C VAL A 144 -14.77 -24.41 -7.50
N LEU A 145 -14.28 -23.21 -7.78
CA LEU A 145 -12.84 -23.02 -7.93
C LEU A 145 -12.21 -22.84 -6.57
N ALA A 146 -12.98 -22.36 -5.60
CA ALA A 146 -12.44 -22.18 -4.26
C ALA A 146 -12.77 -23.40 -3.39
N VAL A 147 -12.67 -24.57 -4.02
CA VAL A 147 -12.89 -25.84 -3.34
C VAL A 147 -11.98 -26.90 -4.00
N ALA A 148 -11.80 -26.74 -5.30
CA ALA A 148 -10.79 -27.48 -6.04
C ALA A 148 -9.58 -26.59 -6.33
N ILE A 149 -9.21 -25.75 -5.36
CA ILE A 149 -8.05 -24.87 -5.47
C ILE A 149 -7.26 -24.98 -4.19
N LEU A 150 -7.94 -25.45 -3.14
CA LEU A 150 -7.29 -25.71 -1.87
C LEU A 150 -6.16 -26.74 -1.98
N PRO A 151 -6.27 -27.71 -2.92
CA PRO A 151 -5.15 -28.61 -3.20
C PRO A 151 -3.86 -27.86 -3.57
N VAL A 152 -3.91 -26.54 -3.65
CA VAL A 152 -2.76 -25.76 -4.08
C VAL A 152 -2.47 -24.48 -3.24
N LEU A 153 -3.04 -23.33 -3.61
CA LEU A 153 -2.78 -22.05 -2.90
C LEU A 153 -3.61 -21.83 -1.63
N GLY A 154 -4.92 -22.07 -1.71
CA GLY A 154 -5.81 -21.88 -0.57
C GLY A 154 -5.75 -22.99 0.47
N ILE A 155 -4.64 -23.06 1.20
CA ILE A 155 -4.41 -24.07 2.23
C ILE A 155 -4.84 -23.59 3.63
N GLY A 156 -4.81 -24.48 4.62
CA GLY A 156 -5.09 -24.11 6.01
C GLY A 156 -6.43 -23.45 6.24
N GLY A 157 -7.40 -23.79 5.39
CA GLY A 157 -8.74 -23.23 5.48
C GLY A 157 -9.75 -23.99 4.61
N MET A 174 -7.99 -36.36 -5.61
CA MET A 174 -9.37 -36.16 -6.04
C MET A 174 -9.50 -36.12 -7.56
N THR A 175 -10.68 -36.49 -8.05
CA THR A 175 -11.02 -36.39 -9.47
C THR A 175 -12.49 -36.79 -9.77
N PRO A 176 -12.97 -37.90 -9.18
CA PRO A 176 -14.39 -38.29 -9.31
C PRO A 176 -15.28 -37.89 -8.11
N ARG A 177 -14.79 -37.03 -7.22
CA ARG A 177 -15.57 -36.59 -6.06
C ARG A 177 -15.61 -35.06 -5.92
N ILE A 178 -14.63 -34.37 -6.50
CA ILE A 178 -14.67 -32.92 -6.58
C ILE A 178 -15.91 -32.52 -7.36
N ALA A 179 -16.36 -33.42 -8.22
CA ALA A 179 -17.58 -33.23 -8.97
C ALA A 179 -18.75 -33.14 -8.00
N GLU A 180 -18.98 -34.19 -7.24
CA GLU A 180 -20.10 -34.22 -6.30
C GLU A 180 -19.93 -33.20 -5.17
N THR A 181 -18.93 -32.32 -5.33
CA THR A 181 -18.80 -31.15 -4.48
C THR A 181 -19.59 -30.00 -5.10
N ALA A 182 -19.10 -29.51 -6.24
CA ALA A 182 -19.79 -28.47 -6.99
C ALA A 182 -21.27 -28.79 -7.12
N LYS A 183 -21.56 -30.05 -7.46
CA LYS A 183 -22.93 -30.54 -7.53
C LYS A 183 -23.75 -29.88 -6.43
N ALA A 184 -23.22 -29.90 -5.21
CA ALA A 184 -23.88 -29.31 -4.07
C ALA A 184 -23.96 -27.79 -4.16
N LEU A 185 -22.85 -27.18 -4.58
CA LEU A 185 -22.78 -25.76 -4.73
C LEU A 185 -23.87 -25.25 -5.67
N TRP A 186 -24.01 -25.91 -6.81
CA TRP A 186 -25.03 -25.50 -7.77
C TRP A 186 -26.32 -25.19 -7.06
N TYR A 187 -26.69 -26.03 -6.10
CA TYR A 187 -27.94 -25.85 -5.39
C TYR A 187 -27.95 -24.60 -4.53
N ILE A 188 -26.95 -24.45 -3.68
CA ILE A 188 -26.86 -23.27 -2.85
C ILE A 188 -26.93 -22.05 -3.78
N TYR A 189 -26.24 -22.16 -4.91
CA TYR A 189 -26.16 -21.07 -5.87
C TYR A 189 -27.53 -20.79 -6.47
N LEU A 190 -28.14 -21.86 -6.97
CA LEU A 190 -29.44 -21.79 -7.63
C LEU A 190 -30.52 -21.30 -6.67
N SER A 191 -30.56 -21.87 -5.47
CA SER A 191 -31.52 -21.44 -4.46
C SER A 191 -31.48 -19.93 -4.26
N LEU A 192 -30.27 -19.38 -4.21
CA LEU A 192 -30.09 -17.97 -3.92
C LEU A 192 -30.49 -17.04 -5.08
N THR A 193 -30.16 -17.43 -6.29
CA THR A 193 -30.41 -16.56 -7.44
C THR A 193 -31.89 -16.56 -7.75
N ILE A 194 -32.61 -17.57 -7.25
CA ILE A 194 -34.06 -17.60 -7.37
C ILE A 194 -34.67 -16.93 -6.15
N ALA A 195 -34.26 -17.40 -4.97
CA ALA A 195 -34.77 -16.81 -3.73
C ALA A 195 -34.71 -15.31 -3.81
N CYS A 196 -33.68 -14.82 -4.49
CA CYS A 196 -33.49 -13.39 -4.71
C CYS A 196 -34.40 -12.89 -5.83
N ALA A 197 -34.16 -13.38 -7.05
CA ALA A 197 -34.85 -12.86 -8.23
C ALA A 197 -36.35 -12.70 -8.02
N VAL A 198 -36.94 -13.61 -7.23
CA VAL A 198 -38.36 -13.51 -6.87
C VAL A 198 -38.60 -12.32 -5.93
N ALA A 199 -37.84 -12.25 -4.85
CA ALA A 199 -37.92 -11.14 -3.91
C ALA A 199 -37.71 -9.81 -4.63
N PHE A 200 -36.90 -9.82 -5.67
CA PHE A 200 -36.63 -8.63 -6.49
C PHE A 200 -37.84 -8.28 -7.34
N TRP A 201 -38.53 -9.31 -7.79
CA TRP A 201 -39.69 -9.13 -8.63
C TRP A 201 -40.86 -8.51 -7.86
N LEU A 202 -41.07 -9.00 -6.64
CA LEU A 202 -42.08 -8.44 -5.74
C LEU A 202 -41.74 -7.00 -5.42
N ALA A 203 -40.46 -6.68 -5.45
CA ALA A 203 -40.01 -5.31 -5.24
C ALA A 203 -40.52 -4.45 -6.37
N GLY A 204 -40.73 -5.09 -7.51
CA GLY A 204 -41.33 -4.41 -8.64
C GLY A 204 -40.41 -4.36 -9.84
N MET A 205 -39.25 -4.98 -9.72
CA MET A 205 -38.36 -5.08 -10.87
C MET A 205 -39.05 -5.85 -11.96
N THR A 206 -38.99 -5.36 -13.19
CA THR A 206 -39.46 -6.13 -14.33
C THR A 206 -38.84 -7.53 -14.21
N PRO A 207 -39.58 -8.58 -14.60
CA PRO A 207 -39.04 -9.95 -14.50
C PRO A 207 -37.60 -10.04 -15.02
N PHE A 208 -37.35 -9.46 -16.19
CA PHE A 208 -36.01 -9.43 -16.76
C PHE A 208 -35.01 -8.62 -15.91
N ASP A 209 -35.44 -7.50 -15.37
CA ASP A 209 -34.60 -6.73 -14.45
C ASP A 209 -34.57 -7.33 -13.04
N ALA A 210 -35.12 -8.53 -12.90
CA ALA A 210 -35.15 -9.21 -11.62
C ALA A 210 -34.27 -10.43 -11.71
N ILE A 211 -34.14 -10.95 -12.92
CA ILE A 211 -33.40 -12.17 -13.12
C ILE A 211 -32.03 -11.85 -13.66
N SER A 212 -31.87 -10.64 -14.19
CA SER A 212 -30.57 -10.24 -14.69
C SER A 212 -29.81 -9.47 -13.62
N HIS A 213 -30.55 -9.00 -12.62
CA HIS A 213 -29.96 -8.35 -11.45
C HIS A 213 -29.69 -9.38 -10.35
N SER A 214 -30.61 -10.32 -10.19
CA SER A 214 -30.36 -11.38 -9.23
C SER A 214 -29.24 -12.29 -9.73
N PHE A 215 -28.77 -12.04 -10.95
CA PHE A 215 -27.59 -12.74 -11.46
C PHE A 215 -26.35 -12.09 -10.89
N SER A 216 -26.23 -10.80 -11.14
CA SER A 216 -25.04 -10.07 -10.75
C SER A 216 -25.09 -9.69 -9.29
N THR A 217 -26.04 -10.22 -8.55
CA THR A 217 -26.09 -9.89 -7.13
C THR A 217 -25.51 -11.01 -6.29
N ILE A 218 -25.79 -12.26 -6.67
CA ILE A 218 -25.23 -13.39 -5.97
C ILE A 218 -23.75 -13.48 -6.30
N ALA A 219 -23.40 -13.10 -7.52
CA ALA A 219 -22.02 -13.23 -7.99
C ALA A 219 -21.14 -12.06 -7.56
N ILE A 220 -21.65 -11.22 -6.68
CA ILE A 220 -20.86 -10.07 -6.21
C ILE A 220 -20.22 -9.47 -7.44
N GLY A 221 -21.05 -9.29 -8.47
CA GLY A 221 -20.61 -8.89 -9.79
C GLY A 221 -20.60 -7.39 -9.88
N GLY A 222 -21.79 -6.80 -9.96
CA GLY A 222 -21.91 -5.36 -9.95
C GLY A 222 -22.63 -4.80 -11.15
N PHE A 223 -22.80 -5.62 -12.18
CA PHE A 223 -23.47 -5.20 -13.42
C PHE A 223 -24.97 -4.92 -13.23
N SER A 224 -25.45 -3.92 -13.96
CA SER A 224 -26.87 -3.59 -13.92
C SER A 224 -27.41 -3.39 -15.34
N THR A 225 -28.73 -3.47 -15.50
CA THR A 225 -29.35 -3.07 -16.75
C THR A 225 -29.33 -1.54 -16.83
N HIS A 226 -30.08 -0.88 -15.94
CA HIS A 226 -30.00 0.58 -15.79
C HIS A 226 -28.54 1.07 -15.91
N ASP A 227 -28.35 2.24 -16.48
CA ASP A 227 -27.01 2.78 -16.62
C ASP A 227 -26.46 3.14 -15.25
N ALA A 228 -27.31 3.69 -14.40
CA ALA A 228 -26.88 4.10 -13.06
C ALA A 228 -27.12 3.03 -12.00
N SER A 229 -26.68 1.81 -12.31
CA SER A 229 -26.88 0.64 -11.45
C SER A 229 -28.09 0.75 -10.51
N MET A 230 -27.91 0.49 -9.22
CA MET A 230 -29.02 0.47 -8.29
C MET A 230 -29.63 1.83 -8.00
N GLY A 231 -29.13 2.86 -8.67
CA GLY A 231 -29.80 4.14 -8.72
C GLY A 231 -31.22 3.88 -9.20
N TYR A 232 -31.32 3.03 -10.22
CA TYR A 232 -32.52 2.23 -10.50
C TYR A 232 -33.82 2.91 -10.13
N PHE A 233 -34.54 2.25 -9.21
CA PHE A 233 -35.73 2.79 -8.55
C PHE A 233 -35.33 3.09 -7.11
N ASP A 234 -35.62 4.28 -6.64
CA ASP A 234 -35.15 4.77 -5.35
C ASP A 234 -35.68 3.96 -4.18
N SER A 235 -36.12 2.73 -4.44
CA SER A 235 -36.83 1.94 -3.44
C SER A 235 -35.92 1.35 -2.34
N TYR A 236 -36.17 1.76 -1.10
CA TYR A 236 -35.43 1.20 0.04
C TYR A 236 -35.63 -0.30 0.10
N ALA A 237 -36.70 -0.77 -0.57
CA ALA A 237 -37.08 -2.18 -0.55
C ALA A 237 -36.14 -3.02 -1.39
N ILE A 238 -35.70 -2.47 -2.52
CA ILE A 238 -34.69 -3.14 -3.33
C ILE A 238 -33.34 -3.05 -2.65
N ASN A 239 -32.95 -1.83 -2.27
CA ASN A 239 -31.69 -1.62 -1.55
C ASN A 239 -31.56 -2.43 -0.27
N LEU A 240 -32.68 -3.04 0.16
CA LEU A 240 -32.71 -3.83 1.39
C LEU A 240 -32.52 -5.29 1.06
N ILE A 241 -32.98 -5.67 -0.13
CA ILE A 241 -32.84 -7.02 -0.62
C ILE A 241 -31.40 -7.25 -1.00
N THR A 242 -30.89 -6.38 -1.87
CA THR A 242 -29.53 -6.51 -2.34
C THR A 242 -28.57 -6.64 -1.17
N VAL A 243 -28.65 -5.68 -0.24
CA VAL A 243 -27.73 -5.69 0.90
C VAL A 243 -27.75 -7.01 1.67
N VAL A 244 -28.92 -7.64 1.74
CA VAL A 244 -29.04 -8.93 2.43
C VAL A 244 -28.31 -10.02 1.67
N PHE A 245 -28.69 -10.21 0.42
CA PHE A 245 -28.11 -11.27 -0.41
C PHE A 245 -26.65 -11.03 -0.76
N LEU A 246 -26.19 -9.79 -0.62
CA LEU A 246 -24.75 -9.52 -0.67
C LEU A 246 -24.14 -10.12 0.58
N LEU A 247 -24.60 -9.69 1.75
CA LEU A 247 -24.07 -10.26 3.00
C LEU A 247 -24.06 -11.78 3.01
N ILE A 248 -25.19 -12.38 2.62
CA ILE A 248 -25.32 -13.84 2.52
C ILE A 248 -24.30 -14.41 1.56
N SER A 249 -24.32 -13.90 0.32
CA SER A 249 -23.44 -14.39 -0.74
C SER A 249 -21.99 -14.10 -0.40
N ALA A 250 -21.77 -12.98 0.25
CA ALA A 250 -20.43 -12.58 0.63
C ALA A 250 -19.92 -13.41 1.78
N CYS A 251 -20.63 -14.48 2.15
CA CYS A 251 -20.17 -15.29 3.27
C CYS A 251 -20.03 -16.79 3.11
N ASN A 252 -19.04 -17.21 2.34
CA ASN A 252 -18.45 -18.55 2.47
C ASN A 252 -19.43 -19.71 2.35
N PHE A 253 -19.48 -20.32 1.17
CA PHE A 253 -20.54 -21.29 0.85
C PHE A 253 -20.45 -22.63 1.58
N THR A 254 -19.29 -22.96 2.12
CA THR A 254 -19.10 -24.19 2.86
C THR A 254 -19.71 -24.07 4.26
N LEU A 255 -20.07 -22.85 4.65
CA LEU A 255 -20.80 -22.61 5.88
C LEU A 255 -22.29 -22.76 5.59
N HIS A 256 -22.67 -22.48 4.35
CA HIS A 256 -24.05 -22.67 3.89
C HIS A 256 -24.35 -24.16 3.76
N PHE A 257 -23.39 -24.90 3.22
CA PHE A 257 -23.50 -26.33 3.10
C PHE A 257 -23.80 -26.90 4.46
N ALA A 258 -23.26 -26.27 5.50
CA ALA A 258 -23.48 -26.72 6.88
C ALA A 258 -24.91 -26.49 7.31
N ALA A 259 -25.40 -25.28 7.10
CA ALA A 259 -26.76 -24.94 7.51
C ALA A 259 -27.81 -25.69 6.67
N PHE A 260 -27.44 -26.13 5.47
CA PHE A 260 -28.43 -26.62 4.52
C PHE A 260 -28.11 -27.95 3.85
N ALA A 261 -27.36 -28.80 4.54
CA ALA A 261 -27.23 -30.20 4.17
C ALA A 261 -28.03 -31.00 5.19
N SER A 262 -28.56 -30.27 6.17
CA SER A 262 -29.40 -30.82 7.22
C SER A 262 -30.75 -30.11 7.23
N GLY A 263 -30.74 -28.81 7.44
CA GLY A 263 -31.96 -28.02 7.45
C GLY A 263 -31.94 -26.96 8.54
N GLY A 264 -32.63 -27.23 9.64
CA GLY A 264 -32.67 -26.30 10.77
C GLY A 264 -31.45 -26.42 11.66
N VAL A 265 -30.36 -26.90 11.08
CA VAL A 265 -29.09 -27.06 11.81
C VAL A 265 -28.22 -25.82 11.60
N HIS A 266 -28.84 -24.76 11.09
CA HIS A 266 -28.15 -23.51 10.77
C HIS A 266 -27.50 -22.76 11.94
N PRO A 267 -28.24 -22.56 13.05
CA PRO A 267 -27.95 -21.57 14.09
C PRO A 267 -26.48 -21.17 14.25
N LYS A 268 -25.87 -21.65 15.32
CA LYS A 268 -24.50 -21.28 15.63
C LYS A 268 -23.48 -21.80 14.60
N TYR A 269 -23.91 -22.59 13.62
CA TYR A 269 -22.96 -23.09 12.61
C TYR A 269 -22.13 -21.95 12.05
N TYR A 270 -22.77 -20.79 11.91
CA TYR A 270 -22.12 -19.57 11.45
C TYR A 270 -21.39 -18.88 12.57
N TRP A 271 -22.12 -18.46 13.59
CA TRP A 271 -21.57 -17.70 14.70
C TRP A 271 -20.38 -18.40 15.35
N LYS A 272 -20.18 -19.66 15.00
CA LYS A 272 -19.06 -20.42 15.55
C LYS A 272 -17.79 -20.22 14.73
N ASP A 273 -17.93 -20.09 13.42
CA ASP A 273 -16.78 -19.77 12.57
C ASP A 273 -16.29 -18.34 12.85
N PRO A 274 -14.97 -18.17 13.03
CA PRO A 274 -14.36 -16.89 13.41
C PRO A 274 -14.24 -15.91 12.25
N GLU A 275 -14.07 -16.45 11.04
CA GLU A 275 -14.00 -15.61 9.86
C GLU A 275 -15.38 -15.02 9.62
N PHE A 276 -16.41 -15.86 9.66
CA PHE A 276 -17.78 -15.36 9.57
C PHE A 276 -18.05 -14.30 10.63
N ARG A 277 -17.61 -14.57 11.86
CA ARG A 277 -17.76 -13.59 12.93
C ARG A 277 -17.05 -12.29 12.60
N ALA A 278 -15.73 -12.40 12.40
CA ALA A 278 -14.87 -11.27 12.09
C ALA A 278 -15.49 -10.42 11.00
N PHE A 279 -15.89 -11.07 9.92
CA PHE A 279 -16.59 -10.39 8.85
C PHE A 279 -17.81 -9.58 9.35
N ILE A 280 -18.58 -10.14 10.28
CA ILE A 280 -19.78 -9.44 10.76
C ILE A 280 -19.43 -8.19 11.55
N PHE A 281 -18.40 -8.29 12.39
CA PHE A 281 -17.96 -7.14 13.15
C PHE A 281 -17.58 -6.00 12.20
N ILE A 282 -16.87 -6.35 11.12
CA ILE A 282 -16.37 -5.38 10.15
C ILE A 282 -17.49 -4.69 9.40
N GLN A 283 -18.61 -5.39 9.21
CA GLN A 283 -19.75 -4.85 8.47
C GLN A 283 -20.53 -3.88 9.32
N VAL A 284 -20.68 -4.21 10.60
CA VAL A 284 -21.41 -3.36 11.51
C VAL A 284 -20.58 -2.12 11.77
N LEU A 285 -19.31 -2.33 12.10
CA LEU A 285 -18.46 -1.20 12.43
C LEU A 285 -18.35 -0.24 11.27
N LEU A 286 -18.16 -0.78 10.07
CA LEU A 286 -17.99 0.02 8.85
C LEU A 286 -19.21 0.90 8.58
N PHE A 287 -20.38 0.32 8.76
CA PHE A 287 -21.63 1.02 8.55
C PHE A 287 -21.83 2.11 9.59
N LEU A 288 -21.52 1.77 10.84
CA LEU A 288 -21.58 2.72 11.93
C LEU A 288 -20.82 3.97 11.56
N VAL A 289 -19.52 3.80 11.29
CA VAL A 289 -18.63 4.93 11.03
C VAL A 289 -19.08 5.72 9.81
N CYS A 290 -19.68 5.02 8.86
CA CYS A 290 -20.18 5.65 7.64
C CYS A 290 -21.51 6.39 7.88
N PHE A 291 -22.44 5.72 8.57
CA PHE A 291 -23.75 6.26 8.87
C PHE A 291 -23.73 7.48 9.79
N LEU A 292 -22.82 7.47 10.77
CA LEU A 292 -22.71 8.57 11.72
C LEU A 292 -22.09 9.82 11.12
N LEU A 293 -21.19 9.63 10.16
CA LEU A 293 -20.50 10.73 9.52
C LEU A 293 -21.35 11.37 8.44
N LEU A 294 -22.43 10.69 8.07
CA LEU A 294 -23.41 11.22 7.13
C LEU A 294 -24.31 12.22 7.85
N LEU A 295 -24.32 12.10 9.17
CA LEU A 295 -25.20 12.92 9.99
C LEU A 295 -24.41 14.06 10.60
N LYS A 296 -23.12 13.85 10.79
CA LYS A 296 -22.26 14.93 11.27
C LYS A 296 -22.13 16.04 10.23
N HIS A 297 -22.15 15.67 8.96
CA HIS A 297 -22.00 16.64 7.88
C HIS A 297 -23.31 16.92 7.12
N HIS A 298 -24.41 16.41 7.68
CA HIS A 298 -25.76 16.71 7.20
C HIS A 298 -25.95 16.40 5.72
N SER A 299 -25.48 15.24 5.30
CA SER A 299 -25.46 14.90 3.88
C SER A 299 -26.86 14.60 3.34
N TYR A 300 -27.76 14.22 4.23
CA TYR A 300 -29.16 14.07 3.86
C TYR A 300 -30.06 14.79 4.82
N THR A 301 -31.22 15.21 4.33
CA THR A 301 -32.12 16.03 5.11
C THR A 301 -33.07 15.15 5.92
N SER A 302 -33.08 13.85 5.57
CA SER A 302 -33.88 12.87 6.30
C SER A 302 -32.99 11.74 6.79
N PRO A 303 -32.70 11.73 8.08
CA PRO A 303 -31.86 10.69 8.70
C PRO A 303 -32.26 9.26 8.32
N TYR A 304 -33.31 9.13 7.52
CA TYR A 304 -33.65 7.84 6.96
C TYR A 304 -32.82 7.55 5.73
N ASP A 305 -32.81 8.49 4.79
CA ASP A 305 -31.97 8.38 3.60
C ASP A 305 -30.52 8.10 3.99
N ALA A 306 -30.05 8.81 5.02
CA ALA A 306 -28.72 8.56 5.57
C ALA A 306 -28.56 7.07 5.80
N PHE A 307 -29.48 6.51 6.57
CA PHE A 307 -29.48 5.09 6.87
C PHE A 307 -29.47 4.25 5.60
N ASP A 308 -30.33 4.59 4.66
CA ASP A 308 -30.43 3.83 3.42
C ASP A 308 -29.08 3.80 2.72
N GLN A 309 -28.64 4.95 2.23
CA GLN A 309 -27.44 5.00 1.42
C GLN A 309 -26.20 4.46 2.15
N ALA A 310 -26.00 4.89 3.41
CA ALA A 310 -24.84 4.48 4.21
C ALA A 310 -24.69 2.96 4.29
N LEU A 311 -25.80 2.29 4.61
CA LEU A 311 -25.85 0.84 4.78
C LEU A 311 -25.66 0.10 3.46
N PHE A 312 -26.23 0.63 2.39
CA PHE A 312 -26.04 -0.01 1.09
C PHE A 312 -24.58 0.01 0.72
N GLN A 313 -24.03 1.21 0.64
CA GLN A 313 -22.66 1.39 0.23
C GLN A 313 -21.68 0.51 1.03
N THR A 314 -21.60 0.73 2.33
CA THR A 314 -20.68 -0.03 3.17
C THR A 314 -20.83 -1.56 3.07
N VAL A 315 -21.69 -2.01 2.16
CA VAL A 315 -21.94 -3.43 1.98
C VAL A 315 -21.64 -3.87 0.55
N SER A 316 -22.07 -3.05 -0.41
CA SER A 316 -21.88 -3.41 -1.79
C SER A 316 -20.45 -3.17 -2.15
N ILE A 317 -19.88 -2.05 -1.71
CA ILE A 317 -18.51 -1.74 -2.09
C ILE A 317 -17.52 -2.39 -1.12
N SER A 318 -17.99 -2.73 0.07
CA SER A 318 -17.17 -3.44 1.04
C SER A 318 -16.86 -4.87 0.61
N THR A 319 -17.87 -5.54 0.07
CA THR A 319 -17.81 -6.94 -0.29
C THR A 319 -17.29 -7.14 -1.71
N THR A 320 -16.73 -6.09 -2.29
CA THR A 320 -16.31 -6.10 -3.69
C THR A 320 -17.45 -6.44 -4.64
N ALA A 321 -18.66 -5.99 -4.34
CA ALA A 321 -19.80 -6.25 -5.22
C ALA A 321 -19.78 -5.18 -6.26
N GLY A 322 -20.05 -3.95 -5.84
CA GLY A 322 -19.81 -2.81 -6.69
C GLY A 322 -21.04 -1.98 -7.02
N PHE A 323 -22.16 -2.28 -6.38
CA PHE A 323 -23.40 -1.58 -6.72
C PHE A 323 -23.33 -0.24 -6.04
N THR A 324 -23.90 0.79 -6.68
CA THR A 324 -23.88 2.15 -6.14
C THR A 324 -25.22 2.84 -6.30
N THR A 325 -25.69 3.51 -5.25
CA THR A 325 -26.93 4.27 -5.37
C THR A 325 -26.65 5.76 -5.28
N THR A 326 -25.44 6.10 -4.88
CA THR A 326 -25.10 7.50 -4.72
C THR A 326 -24.13 7.95 -5.78
N GLY A 327 -24.01 9.25 -5.89
CA GLY A 327 -22.93 9.84 -6.65
C GLY A 327 -21.91 10.26 -5.62
N PHE A 328 -22.35 10.21 -4.36
CA PHE A 328 -21.58 10.69 -3.22
C PHE A 328 -21.68 12.22 -3.12
N ALA A 329 -22.93 12.68 -3.21
CA ALA A 329 -23.32 14.10 -3.18
C ALA A 329 -22.53 14.97 -2.17
N ASP A 330 -23.13 15.22 -1.02
CA ASP A 330 -22.51 16.01 0.03
C ASP A 330 -21.73 15.09 1.01
N TRP A 331 -21.47 13.86 0.57
CA TRP A 331 -20.64 12.91 1.32
C TRP A 331 -19.25 13.45 1.53
N PRO A 332 -18.76 13.38 2.77
CA PRO A 332 -17.38 13.80 3.06
C PRO A 332 -16.42 12.97 2.24
N LEU A 333 -15.45 13.63 1.60
CA LEU A 333 -14.41 12.95 0.82
C LEU A 333 -13.93 11.67 1.50
N PHE A 334 -13.67 11.78 2.80
CA PHE A 334 -13.28 10.66 3.63
C PHE A 334 -14.00 9.33 3.31
N LEU A 335 -15.34 9.33 3.38
CA LEU A 335 -16.11 8.08 3.25
C LEU A 335 -15.89 7.23 1.99
N PRO A 336 -15.93 7.84 0.81
CA PRO A 336 -15.57 7.03 -0.35
C PRO A 336 -14.17 6.44 -0.19
N VAL A 337 -13.17 7.29 -0.02
CA VAL A 337 -11.79 6.85 0.14
C VAL A 337 -11.62 5.71 1.15
N LEU A 338 -12.37 5.81 2.25
CA LEU A 338 -12.41 4.76 3.26
C LEU A 338 -13.06 3.53 2.66
N LEU A 339 -14.08 3.77 1.85
CA LEU A 339 -14.78 2.69 1.21
C LEU A 339 -13.91 2.04 0.15
N LEU A 340 -13.07 2.83 -0.51
CA LEU A 340 -12.13 2.29 -1.48
C LEU A 340 -11.13 1.32 -0.85
N PHE A 341 -10.78 1.52 0.42
CA PHE A 341 -9.85 0.61 1.09
C PHE A 341 -10.59 -0.60 1.60
N SER A 342 -11.86 -0.41 1.94
CA SER A 342 -12.74 -1.50 2.37
C SER A 342 -12.69 -2.69 1.41
N SER A 343 -12.76 -2.40 0.12
CA SER A 343 -12.72 -3.42 -0.93
C SER A 343 -11.50 -4.34 -0.84
N PHE A 344 -10.49 -3.95 -0.08
CA PHE A 344 -9.32 -4.80 0.10
C PHE A 344 -9.61 -5.98 1.05
N ILE A 345 -10.78 -5.96 1.67
CA ILE A 345 -11.20 -6.99 2.59
C ILE A 345 -12.35 -7.75 1.95
N GLY A 346 -13.54 -7.53 2.49
CA GLY A 346 -14.80 -8.00 1.94
C GLY A 346 -14.84 -9.36 1.29
N GLY A 347 -15.80 -10.17 1.73
CA GLY A 347 -15.98 -11.49 1.19
C GLY A 347 -15.20 -12.53 1.96
N CYS A 348 -15.87 -13.24 2.86
CA CYS A 348 -15.25 -14.36 3.54
C CYS A 348 -14.56 -15.19 2.45
N ALA A 349 -13.68 -16.10 2.85
CA ALA A 349 -13.06 -17.01 1.90
C ALA A 349 -14.13 -17.91 1.34
N GLY A 350 -13.89 -18.50 0.18
CA GLY A 350 -14.88 -19.39 -0.41
C GLY A 350 -16.22 -18.71 -0.56
N SER A 351 -16.16 -17.45 -0.98
CA SER A 351 -17.34 -16.63 -1.24
C SER A 351 -17.27 -16.18 -2.70
N THR A 352 -17.91 -15.06 -3.00
CA THR A 352 -17.88 -14.55 -4.35
C THR A 352 -17.21 -13.21 -4.28
N GLY A 353 -16.46 -13.02 -3.20
CA GLY A 353 -15.83 -11.75 -2.84
C GLY A 353 -14.68 -11.28 -3.70
N GLY A 354 -13.52 -11.06 -3.11
CA GLY A 354 -12.37 -10.76 -3.92
C GLY A 354 -11.21 -9.98 -3.38
N GLY A 355 -11.44 -9.20 -2.33
CA GLY A 355 -10.31 -8.58 -1.64
C GLY A 355 -9.49 -9.70 -1.06
N MET A 356 -8.25 -9.45 -0.65
CA MET A 356 -7.55 -10.46 0.13
C MET A 356 -8.43 -10.82 1.32
N LYS A 357 -9.24 -11.87 1.14
CA LYS A 357 -10.44 -12.14 1.94
C LYS A 357 -10.38 -11.93 3.47
N VAL A 358 -11.57 -11.88 4.07
CA VAL A 358 -11.72 -11.63 5.50
C VAL A 358 -10.61 -12.23 6.39
N ILE A 359 -10.44 -13.55 6.38
CA ILE A 359 -9.41 -14.17 7.22
C ILE A 359 -8.06 -13.56 6.98
N ARG A 360 -7.63 -13.54 5.73
CA ARG A 360 -6.29 -13.07 5.39
C ARG A 360 -6.03 -11.78 6.21
N ILE A 361 -7.04 -10.93 6.31
CA ILE A 361 -6.96 -9.78 7.21
C ILE A 361 -6.95 -10.28 8.64
N LEU A 362 -8.03 -10.93 9.05
CA LEU A 362 -8.14 -11.46 10.41
C LEU A 362 -6.80 -12.01 10.87
N LEU A 363 -6.28 -12.98 10.14
CA LEU A 363 -4.97 -13.50 10.39
C LEU A 363 -3.93 -12.40 10.44
N LEU A 364 -3.83 -11.66 9.35
CA LEU A 364 -2.86 -10.58 9.25
C LEU A 364 -2.77 -9.72 10.53
N THR A 365 -3.93 -9.35 11.07
CA THR A 365 -3.98 -8.52 12.26
C THR A 365 -3.60 -9.29 13.52
N LEU A 366 -3.64 -10.60 13.43
CA LEU A 366 -3.25 -11.42 14.55
C LEU A 366 -1.78 -11.64 14.52
N GLN A 367 -1.28 -11.90 13.31
CA GLN A 367 0.13 -12.23 13.12
C GLN A 367 0.96 -10.99 13.36
N GLY A 368 0.37 -9.85 13.03
CA GLY A 368 0.94 -8.56 13.38
C GLY A 368 0.98 -8.36 14.90
N ALA A 369 -0.16 -8.61 15.54
CA ALA A 369 -0.22 -8.50 16.98
C ALA A 369 0.93 -9.27 17.61
N ARG A 370 0.92 -10.58 17.44
CA ARG A 370 2.00 -11.43 17.94
C ARG A 370 3.35 -10.73 17.86
N GLU A 371 3.54 -9.92 16.82
CA GLU A 371 4.82 -9.25 16.55
C GLU A 371 5.21 -8.14 17.51
N LEU A 372 4.22 -7.38 17.98
CA LEU A 372 4.42 -6.36 19.00
C LEU A 372 4.74 -7.01 20.34
N LYS A 373 3.92 -7.98 20.73
CA LYS A 373 4.18 -8.72 21.96
C LYS A 373 5.58 -9.30 21.93
N ARG A 374 6.00 -9.78 20.76
CA ARG A 374 7.34 -10.33 20.63
C ARG A 374 8.39 -9.25 20.74
N LEU A 375 7.97 -8.04 21.08
CA LEU A 375 8.89 -6.94 21.34
C LEU A 375 9.07 -6.72 22.85
N VAL A 376 8.02 -7.01 23.62
CA VAL A 376 8.05 -6.83 25.08
C VAL A 376 8.47 -8.10 25.82
N HIS A 377 7.87 -9.22 25.46
CA HIS A 377 8.23 -10.52 26.03
C HIS A 377 8.92 -11.34 24.97
N PRO A 378 10.18 -11.03 24.67
CA PRO A 378 10.93 -11.73 23.63
C PRO A 378 11.26 -13.18 24.03
N ARG A 379 10.81 -13.56 25.23
CA ARG A 379 11.01 -14.93 25.72
C ARG A 379 9.77 -15.76 25.42
N ALA A 380 8.65 -15.33 26.01
CA ALA A 380 7.39 -16.05 25.87
C ALA A 380 7.14 -16.54 24.43
N VAL A 381 6.45 -17.68 24.31
CA VAL A 381 6.17 -18.32 23.04
C VAL A 381 4.68 -18.27 22.67
N TYR A 382 4.32 -17.32 21.81
CA TYR A 382 2.95 -17.18 21.34
C TYR A 382 2.77 -17.97 20.07
N THR A 383 1.54 -18.43 19.82
CA THR A 383 1.23 -19.15 18.58
C THR A 383 -0.13 -18.74 18.08
N ILE A 384 -0.15 -18.01 16.96
CA ILE A 384 -1.39 -17.46 16.44
C ILE A 384 -2.44 -18.56 16.25
N LYS A 385 -3.58 -18.39 16.94
CA LYS A 385 -4.67 -19.37 16.93
C LYS A 385 -6.02 -18.73 16.70
N VAL A 386 -6.88 -19.44 15.96
CA VAL A 386 -8.20 -18.94 15.62
C VAL A 386 -9.30 -19.63 16.44
N GLY A 387 -9.36 -20.94 16.35
CA GLY A 387 -10.12 -21.75 17.29
C GLY A 387 -9.10 -22.68 17.94
N GLY A 388 -8.23 -23.24 17.09
CA GLY A 388 -7.17 -24.12 17.55
C GLY A 388 -5.88 -24.08 16.74
N SER A 389 -5.18 -22.94 16.75
CA SER A 389 -3.77 -22.85 16.35
C SER A 389 -3.36 -22.96 14.87
N ALA A 390 -3.10 -21.83 14.20
CA ALA A 390 -2.57 -21.86 12.83
C ALA A 390 -1.17 -22.43 12.89
N LEU A 391 -0.43 -22.35 11.79
CA LEU A 391 0.85 -23.04 11.69
C LEU A 391 2.04 -22.10 11.55
N PRO A 392 2.30 -21.29 12.59
CA PRO A 392 3.28 -20.17 12.75
C PRO A 392 4.65 -20.28 12.02
N GLN A 393 4.84 -21.41 11.33
CA GLN A 393 5.99 -21.58 10.46
C GLN A 393 5.50 -21.52 9.02
N ARG A 394 4.26 -21.94 8.81
CA ARG A 394 3.82 -22.24 7.44
C ARG A 394 2.67 -21.40 6.89
N VAL A 395 1.50 -21.53 7.49
CA VAL A 395 0.40 -20.79 6.94
C VAL A 395 0.62 -19.34 7.26
N VAL A 396 1.22 -19.07 8.42
CA VAL A 396 1.46 -17.70 8.79
C VAL A 396 2.34 -17.04 7.74
N ASP A 397 3.32 -17.79 7.24
CA ASP A 397 4.26 -17.26 6.25
C ASP A 397 3.55 -17.00 4.95
N ALA A 398 2.66 -17.92 4.59
CA ALA A 398 1.84 -17.77 3.40
C ALA A 398 0.98 -16.50 3.42
N VAL A 399 0.22 -16.29 4.48
CA VAL A 399 -0.59 -15.09 4.57
C VAL A 399 0.27 -13.86 4.26
N TRP A 400 1.03 -13.36 5.23
CA TRP A 400 1.77 -12.12 4.97
C TRP A 400 3.00 -12.31 4.07
N GLY A 401 2.83 -13.17 3.08
CA GLY A 401 3.69 -13.20 1.92
C GLY A 401 2.79 -12.84 0.76
N PHE A 402 1.55 -13.29 0.87
CA PHE A 402 0.52 -12.95 -0.08
C PHE A 402 0.23 -11.45 -0.04
N PHE A 403 0.23 -10.92 1.17
CA PHE A 403 -0.07 -9.52 1.37
C PHE A 403 0.95 -8.70 0.59
N SER A 404 2.22 -8.84 0.97
CA SER A 404 3.30 -8.19 0.26
C SER A 404 3.08 -8.26 -1.25
N ALA A 405 2.93 -9.46 -1.81
CA ALA A 405 2.68 -9.63 -3.24
C ALA A 405 1.51 -8.78 -3.76
N TYR A 406 0.38 -8.88 -3.07
CA TYR A 406 -0.81 -8.08 -3.35
C TYR A 406 -0.50 -6.62 -3.52
N ALA A 407 0.34 -6.11 -2.63
CA ALA A 407 0.80 -4.73 -2.69
C ALA A 407 1.79 -4.55 -3.81
N LEU A 408 2.64 -5.54 -4.06
CA LEU A 408 3.59 -5.38 -5.14
C LEU A 408 2.84 -5.28 -6.45
N VAL A 409 1.89 -6.18 -6.64
CA VAL A 409 1.04 -6.09 -7.82
C VAL A 409 0.42 -4.69 -7.91
N PHE A 410 -0.30 -4.28 -6.88
CA PHE A 410 -0.98 -2.99 -6.91
C PHE A 410 -0.06 -1.87 -7.36
N VAL A 411 1.13 -1.83 -6.81
CA VAL A 411 2.06 -0.78 -7.15
C VAL A 411 2.50 -0.86 -8.60
N VAL A 412 2.77 -2.05 -9.10
CA VAL A 412 3.23 -2.14 -10.49
C VAL A 412 2.13 -1.75 -11.44
N CYS A 413 0.91 -2.18 -11.14
CA CYS A 413 -0.27 -1.87 -11.95
C CYS A 413 -0.58 -0.38 -12.04
N MET A 414 -0.41 0.31 -10.91
CA MET A 414 -0.69 1.72 -10.85
C MET A 414 0.40 2.45 -11.60
N LEU A 415 1.61 1.90 -11.53
CA LEU A 415 2.77 2.53 -12.14
C LEU A 415 2.77 2.30 -13.64
N GLY A 416 2.13 1.23 -14.07
CA GLY A 416 2.06 0.89 -15.48
C GLY A 416 0.90 1.62 -16.12
N LEU A 417 -0.17 1.80 -15.34
CA LEU A 417 -1.28 2.63 -15.76
C LEU A 417 -0.88 4.11 -15.88
N ILE A 418 0.10 4.52 -15.08
CA ILE A 418 0.52 5.92 -15.05
C ILE A 418 1.46 6.20 -16.19
N ALA A 419 2.18 5.16 -16.59
CA ALA A 419 3.06 5.28 -17.72
C ALA A 419 2.17 5.22 -18.93
N THR A 420 1.28 4.25 -18.92
CA THR A 420 0.39 3.97 -20.04
C THR A 420 -0.24 5.26 -20.56
N GLY A 421 -0.39 6.23 -19.67
CA GLY A 421 -1.00 7.49 -20.02
C GLY A 421 -1.76 8.12 -18.86
N MET A 422 -2.90 7.53 -18.53
CA MET A 422 -3.81 8.14 -17.56
C MET A 422 -3.12 8.71 -16.32
N ASP A 423 -3.84 9.53 -15.57
CA ASP A 423 -3.23 10.33 -14.51
C ASP A 423 -2.95 9.56 -13.22
N GLU A 424 -2.34 10.23 -12.26
CA GLU A 424 -1.91 9.56 -11.06
C GLU A 424 -3.08 9.03 -10.27
N LEU A 425 -3.86 9.91 -9.65
CA LEU A 425 -4.91 9.45 -8.76
C LEU A 425 -5.90 8.48 -9.41
N SER A 426 -6.03 8.56 -10.73
CA SER A 426 -6.95 7.67 -11.43
C SER A 426 -6.42 6.26 -11.49
N ALA A 427 -5.19 6.11 -11.97
CA ALA A 427 -4.49 4.81 -11.93
C ALA A 427 -4.73 4.16 -10.58
N PHE A 428 -4.62 4.98 -9.54
CA PHE A 428 -4.83 4.55 -8.18
C PHE A 428 -6.18 3.91 -8.00
N SER A 429 -7.22 4.64 -8.43
CA SER A 429 -8.60 4.18 -8.29
C SER A 429 -8.94 3.06 -9.24
N ALA A 430 -8.28 3.03 -10.40
CA ALA A 430 -8.49 1.98 -11.39
C ALA A 430 -7.98 0.62 -10.91
N VAL A 431 -6.70 0.55 -10.54
CA VAL A 431 -6.17 -0.72 -10.05
C VAL A 431 -6.93 -1.14 -8.83
N ALA A 432 -7.26 -0.22 -7.93
CA ALA A 432 -8.01 -0.58 -6.74
C ALA A 432 -9.42 -1.07 -7.09
N ALA A 433 -9.95 -0.65 -8.23
CA ALA A 433 -11.29 -1.09 -8.64
C ALA A 433 -11.21 -2.44 -9.32
N THR A 434 -10.07 -2.70 -9.93
CA THR A 434 -9.85 -3.92 -10.72
C THR A 434 -9.31 -5.09 -9.88
N LEU A 435 -8.19 -4.88 -9.21
CA LEU A 435 -7.55 -5.92 -8.37
C LEU A 435 -8.45 -6.49 -7.27
N ASN A 436 -9.36 -5.69 -6.72
CA ASN A 436 -10.24 -6.23 -5.70
C ASN A 436 -11.54 -6.70 -6.32
N ASN A 437 -11.57 -6.73 -7.64
CA ASN A 437 -12.77 -7.02 -8.40
C ASN A 437 -13.97 -6.26 -7.86
N LEU A 438 -13.84 -4.92 -7.84
CA LEU A 438 -14.82 -4.02 -7.27
C LEU A 438 -15.73 -3.53 -8.37
N GLY A 439 -15.16 -2.74 -9.28
CA GLY A 439 -15.90 -2.25 -10.43
C GLY A 439 -15.84 -0.75 -10.66
N PRO A 440 -16.23 0.03 -9.66
CA PRO A 440 -16.28 1.49 -9.82
C PRO A 440 -14.98 2.19 -9.39
N GLY A 441 -14.91 3.50 -9.62
CA GLY A 441 -13.71 4.25 -9.31
C GLY A 441 -13.58 4.55 -7.84
N LEU A 442 -14.39 5.50 -7.37
CA LEU A 442 -14.55 5.75 -5.94
C LEU A 442 -13.67 6.81 -5.26
N GLY A 443 -12.52 7.14 -5.83
CA GLY A 443 -11.71 8.23 -5.31
C GLY A 443 -12.45 9.58 -5.26
N GLU A 444 -11.79 10.62 -5.75
CA GLU A 444 -12.42 11.94 -5.84
C GLU A 444 -13.22 11.97 -7.12
N VAL A 445 -14.43 11.41 -7.06
CA VAL A 445 -15.36 11.27 -8.19
C VAL A 445 -14.74 11.50 -9.58
N ALA A 446 -14.06 10.49 -10.10
CA ALA A 446 -13.45 10.49 -11.43
C ALA A 446 -13.61 9.09 -12.02
N LEU A 447 -14.78 8.51 -11.77
CA LEU A 447 -14.92 7.06 -11.77
C LEU A 447 -15.38 6.37 -13.06
N HIS A 448 -14.88 6.77 -14.23
CA HIS A 448 -15.41 6.13 -15.43
C HIS A 448 -14.48 5.61 -16.54
N PHE A 449 -14.39 4.29 -16.61
CA PHE A 449 -13.57 3.59 -17.58
C PHE A 449 -14.06 3.84 -18.97
N GLY A 450 -14.08 2.79 -19.77
CA GLY A 450 -14.45 2.96 -21.15
C GLY A 450 -13.43 3.91 -21.72
N ASP A 451 -13.85 5.12 -22.05
CA ASP A 451 -12.98 6.13 -22.64
C ASP A 451 -11.71 6.42 -21.81
N VAL A 452 -10.97 5.37 -21.51
CA VAL A 452 -9.67 5.49 -20.88
C VAL A 452 -8.65 5.17 -21.96
N ASN A 453 -7.42 5.64 -21.76
CA ASN A 453 -6.32 5.19 -22.60
C ASN A 453 -6.50 3.70 -22.90
N ASP A 454 -6.40 3.30 -24.16
CA ASP A 454 -6.70 1.92 -24.56
C ASP A 454 -5.70 0.87 -24.05
N LYS A 455 -4.41 1.15 -24.20
CA LYS A 455 -3.37 0.30 -23.64
C LYS A 455 -3.72 0.05 -22.17
N ALA A 456 -4.11 1.10 -21.47
CA ALA A 456 -4.51 1.02 -20.07
C ALA A 456 -5.66 0.03 -19.84
N LYS A 457 -6.52 -0.15 -20.84
CA LYS A 457 -7.65 -1.09 -20.72
C LYS A 457 -7.12 -2.50 -20.62
N TRP A 458 -5.98 -2.75 -21.23
CA TRP A 458 -5.35 -4.06 -21.12
C TRP A 458 -4.66 -4.24 -19.77
N VAL A 459 -3.82 -3.29 -19.39
CA VAL A 459 -3.27 -3.30 -18.04
C VAL A 459 -4.39 -3.58 -17.04
N LEU A 460 -5.55 -2.97 -17.24
CA LEU A 460 -6.69 -3.19 -16.35
C LEU A 460 -7.22 -4.63 -16.38
N ILE A 461 -7.43 -5.18 -17.57
CA ILE A 461 -7.88 -6.56 -17.72
C ILE A 461 -6.92 -7.52 -17.03
N VAL A 462 -5.63 -7.31 -17.26
CA VAL A 462 -4.60 -8.14 -16.64
C VAL A 462 -4.48 -7.85 -15.16
N SER A 463 -5.16 -6.80 -14.68
CA SER A 463 -5.18 -6.52 -13.26
C SER A 463 -6.27 -7.30 -12.55
N MET A 464 -7.41 -7.47 -13.21
CA MET A 464 -8.52 -8.21 -12.60
C MET A 464 -8.34 -9.68 -12.77
N LEU A 465 -7.40 -10.08 -13.62
CA LEU A 465 -7.01 -11.48 -13.66
C LEU A 465 -6.26 -11.83 -12.39
N PHE A 466 -5.44 -10.90 -11.92
CA PHE A 466 -4.64 -11.08 -10.71
C PHE A 466 -5.52 -11.18 -9.50
N GLY A 467 -6.60 -10.40 -9.50
CA GLY A 467 -7.47 -10.32 -8.35
C GLY A 467 -8.27 -11.58 -8.20
N ARG A 468 -8.57 -12.21 -9.33
CA ARG A 468 -9.39 -13.42 -9.37
C ARG A 468 -8.59 -14.68 -9.05
N LEU A 469 -7.30 -14.64 -9.36
CA LEU A 469 -6.42 -15.78 -9.15
C LEU A 469 -5.67 -15.60 -7.84
N GLU A 470 -6.05 -14.58 -7.07
CA GLU A 470 -5.38 -14.32 -5.82
C GLU A 470 -3.86 -14.23 -5.98
N ILE A 471 -3.44 -13.65 -7.10
CA ILE A 471 -2.04 -13.36 -7.40
C ILE A 471 -1.14 -14.56 -7.68
N PHE A 472 -0.77 -15.29 -6.64
CA PHE A 472 0.16 -16.40 -6.81
C PHE A 472 -0.13 -17.24 -8.04
N THR A 473 -1.32 -17.82 -8.09
CA THR A 473 -1.59 -18.86 -9.07
C THR A 473 -1.22 -18.42 -10.48
N LEU A 474 -1.15 -17.13 -10.71
CA LEU A 474 -0.78 -16.59 -12.01
C LEU A 474 0.57 -15.91 -11.95
N LEU A 475 0.93 -15.48 -10.75
CA LEU A 475 2.21 -14.85 -10.56
C LEU A 475 3.28 -15.93 -10.76
N ILE A 476 2.93 -17.15 -10.40
CA ILE A 476 3.84 -18.28 -10.43
C ILE A 476 4.07 -18.79 -11.84
N LEU A 477 3.33 -18.25 -12.80
CA LEU A 477 3.54 -18.62 -14.19
C LEU A 477 4.77 -17.93 -14.72
N LEU A 478 5.18 -16.85 -14.07
CA LEU A 478 6.33 -16.12 -14.55
C LEU A 478 7.59 -16.69 -13.94
N THR A 479 7.42 -17.44 -12.86
CA THR A 479 8.55 -18.04 -12.15
C THR A 479 9.51 -18.74 -13.12
N PRO A 480 10.80 -18.80 -12.76
CA PRO A 480 11.70 -19.73 -13.46
C PRO A 480 11.38 -21.16 -13.04
N THR A 481 11.23 -21.38 -11.73
CA THR A 481 11.09 -22.71 -11.13
C THR A 481 9.69 -23.33 -11.33
N PHE A 482 8.89 -22.73 -12.21
CA PHE A 482 7.62 -23.34 -12.60
C PHE A 482 7.80 -23.97 -13.97
N TRP A 483 8.95 -23.70 -14.58
CA TRP A 483 9.19 -24.15 -15.94
C TRP A 483 10.27 -25.23 -16.02
N ARG A 484 9.86 -26.42 -16.46
CA ARG A 484 10.78 -27.54 -16.72
C ARG A 484 10.07 -28.63 -17.53
N MET B 1 8.85 -0.19 35.92
CA MET B 1 8.75 0.86 34.92
C MET B 1 9.88 1.88 35.06
N GLN B 2 10.15 2.31 36.29
CA GLN B 2 11.34 3.12 36.59
C GLN B 2 11.23 4.55 36.06
N PHE B 3 10.01 5.08 36.05
CA PHE B 3 9.74 6.40 35.49
C PHE B 3 10.81 7.41 35.86
N ARG B 4 11.03 7.55 37.17
CA ARG B 4 12.03 8.48 37.68
C ARG B 4 13.30 8.50 36.83
N SER B 5 14.03 7.39 36.82
CA SER B 5 15.31 7.34 36.11
C SER B 5 15.19 7.81 34.67
N ILE B 6 13.97 7.81 34.12
CA ILE B 6 13.71 8.34 32.78
C ILE B 6 13.72 9.88 32.77
N ILE B 7 12.79 10.46 33.53
CA ILE B 7 12.69 11.92 33.68
C ILE B 7 14.06 12.55 33.93
N ARG B 8 14.99 11.76 34.46
CA ARG B 8 16.33 12.23 34.76
C ARG B 8 17.13 12.42 33.47
N ILE B 9 16.97 11.49 32.53
CA ILE B 9 17.72 11.57 31.28
C ILE B 9 17.03 12.57 30.37
N VAL B 10 15.76 12.85 30.69
CA VAL B 10 15.04 13.87 29.97
C VAL B 10 15.63 15.23 30.35
N GLY B 11 15.80 15.45 31.65
CA GLY B 11 16.46 16.66 32.12
C GLY B 11 17.88 16.76 31.59
N LEU B 12 18.53 15.62 31.45
CA LEU B 12 19.88 15.59 30.90
C LEU B 12 19.90 16.05 29.44
N LEU B 13 18.90 15.59 28.68
CA LEU B 13 18.79 15.92 27.27
C LEU B 13 18.28 17.34 27.06
N LEU B 14 17.15 17.66 27.69
CA LEU B 14 16.67 19.02 27.69
C LEU B 14 17.87 19.95 27.91
N ALA B 15 18.56 19.75 29.03
CA ALA B 15 19.68 20.59 29.38
C ALA B 15 20.77 20.49 28.33
N LEU B 16 21.11 19.24 27.97
CA LEU B 16 22.16 18.96 26.99
C LEU B 16 21.82 19.60 25.64
N PHE B 17 20.52 19.85 25.44
CA PHE B 17 20.00 20.45 24.22
C PHE B 17 20.20 21.98 24.26
N SER B 18 19.80 22.61 25.36
CA SER B 18 19.90 24.05 25.51
C SER B 18 21.27 24.57 25.11
N VAL B 19 22.29 23.83 25.53
CA VAL B 19 23.67 24.20 25.24
C VAL B 19 23.91 24.30 23.73
N THR B 20 22.95 23.83 22.95
CA THR B 20 23.08 23.93 21.51
C THR B 20 22.52 25.27 21.02
N MET B 21 21.50 25.77 21.72
CA MET B 21 20.80 26.98 21.31
C MET B 21 21.76 28.16 21.12
N LEU B 22 22.99 27.98 21.59
CA LEU B 22 24.01 29.03 21.56
C LEU B 22 24.66 29.13 20.20
N ALA B 23 24.91 27.98 19.56
CA ALA B 23 25.55 27.95 18.25
C ALA B 23 24.83 28.84 17.21
N PRO B 24 23.49 28.81 17.18
CA PRO B 24 22.74 29.71 16.29
C PRO B 24 22.81 31.16 16.75
N ALA B 25 22.71 31.38 18.06
CA ALA B 25 22.80 32.73 18.60
C ALA B 25 24.19 33.30 18.36
N LEU B 26 25.20 32.44 18.39
CA LEU B 26 26.57 32.82 18.04
C LEU B 26 26.60 33.44 16.66
N VAL B 27 25.63 33.04 15.83
CA VAL B 27 25.52 33.52 14.46
C VAL B 27 24.73 34.81 14.36
N ALA B 28 23.72 34.97 15.21
CA ALA B 28 22.92 36.20 15.24
C ALA B 28 23.71 37.33 15.89
N LEU B 29 24.94 37.01 16.28
CA LEU B 29 25.87 38.00 16.81
C LEU B 29 26.93 38.22 15.76
N LEU B 30 27.55 37.15 15.32
CA LEU B 30 28.53 37.24 14.25
C LEU B 30 27.92 37.81 12.98
N TYR B 31 27.02 37.04 12.38
CA TYR B 31 26.39 37.46 11.13
C TYR B 31 25.41 38.61 11.36
N ARG B 32 25.66 39.72 10.67
CA ARG B 32 24.72 40.83 10.56
C ARG B 32 23.72 40.90 11.73
N ASP B 33 22.44 41.01 11.37
CA ASP B 33 21.33 40.86 12.31
C ASP B 33 21.54 41.48 13.71
N GLY B 34 21.24 40.70 14.75
CA GLY B 34 21.14 41.17 16.12
C GLY B 34 19.86 40.59 16.72
N ALA B 35 19.04 39.99 15.85
CA ALA B 35 17.76 39.39 16.22
C ALA B 35 17.78 37.86 16.36
N GLY B 36 18.72 37.36 17.15
CA GLY B 36 18.78 35.96 17.50
C GLY B 36 18.69 35.88 19.01
N VAL B 37 17.97 36.84 19.57
CA VAL B 37 17.64 36.87 20.99
C VAL B 37 16.72 35.74 21.46
N PRO B 38 15.82 35.26 20.56
CA PRO B 38 14.90 34.18 20.91
C PRO B 38 15.59 32.84 21.17
N PHE B 39 16.87 32.76 20.81
CA PHE B 39 17.68 31.59 21.08
C PHE B 39 18.23 31.67 22.48
N VAL B 40 18.67 32.86 22.86
CA VAL B 40 19.21 33.07 24.20
C VAL B 40 18.09 32.99 25.24
N THR B 41 16.87 33.34 24.83
CA THR B 41 15.71 33.16 25.72
C THR B 41 15.48 31.66 25.86
N THR B 42 15.41 30.99 24.71
CA THR B 42 15.24 29.53 24.66
C THR B 42 16.33 28.83 25.49
N PHE B 43 17.56 29.34 25.40
CA PHE B 43 18.71 28.76 26.10
C PHE B 43 18.53 28.71 27.62
N PHE B 44 17.95 29.77 28.17
CA PHE B 44 17.61 29.83 29.57
C PHE B 44 16.31 29.11 29.83
N VAL B 45 15.38 29.29 28.88
CA VAL B 45 14.07 28.69 29.01
C VAL B 45 14.21 27.18 29.24
N LEU B 46 15.01 26.54 28.40
CA LEU B 46 15.15 25.09 28.41
C LEU B 46 16.23 24.60 29.37
N LEU B 47 17.30 25.39 29.49
CA LEU B 47 18.38 25.06 30.42
C LEU B 47 17.78 24.92 31.81
N PHE B 48 16.79 25.77 32.07
CA PHE B 48 16.05 25.79 33.32
C PHE B 48 15.19 24.54 33.53
N CYS B 49 14.37 24.22 32.53
CA CYS B 49 13.54 23.04 32.59
C CYS B 49 14.37 21.79 32.85
N GLY B 50 15.38 21.58 32.00
CA GLY B 50 16.25 20.42 32.11
C GLY B 50 16.56 20.11 33.56
N ALA B 51 17.35 21.00 34.18
CA ALA B 51 17.74 20.83 35.57
C ALA B 51 16.56 21.13 36.49
N MET B 52 15.45 20.42 36.27
CA MET B 52 14.24 20.58 37.07
C MET B 52 13.46 19.30 36.87
N CYS B 53 14.01 18.47 35.99
CA CYS B 53 13.57 17.11 35.80
C CYS B 53 14.67 16.22 36.35
N TRP B 54 15.87 16.80 36.45
CA TRP B 54 17.07 16.05 36.80
C TRP B 54 17.57 16.29 38.22
N PHE B 55 17.20 17.42 38.78
CA PHE B 55 17.58 17.70 40.17
C PHE B 55 16.66 16.99 41.16
N PRO B 56 15.33 17.11 40.97
CA PRO B 56 14.42 16.37 41.85
C PRO B 56 14.58 14.87 41.66
N ASN B 57 15.74 14.46 41.18
CA ASN B 57 15.99 13.05 40.84
C ASN B 57 17.36 12.53 41.31
N ARG B 58 18.29 12.45 40.37
CA ARG B 58 19.60 11.84 40.59
C ARG B 58 19.44 10.39 41.09
N ARG B 59 19.09 9.51 40.13
CA ARG B 59 18.77 8.11 40.39
C ARG B 59 19.04 7.23 39.15
N HIS B 60 20.30 6.84 38.95
CA HIS B 60 20.74 6.04 37.80
C HIS B 60 20.36 4.57 38.00
N LYS B 61 19.22 4.15 37.43
CA LYS B 61 18.76 2.77 37.65
C LYS B 61 19.19 1.77 36.55
N HIS B 62 19.93 2.26 35.56
CA HIS B 62 20.52 1.44 34.48
C HIS B 62 19.59 0.43 33.80
N GLU B 63 19.72 0.33 32.48
CA GLU B 63 18.85 -0.51 31.66
C GLU B 63 17.37 -0.39 32.04
N LEU B 64 16.93 -1.31 32.89
CA LEU B 64 15.55 -1.32 33.39
C LEU B 64 14.63 -2.06 32.42
N LYS B 65 15.22 -3.01 31.70
CA LYS B 65 14.45 -3.91 30.86
C LYS B 65 13.95 -3.26 29.57
N SER B 66 13.02 -3.95 28.92
CA SER B 66 12.51 -3.52 27.62
C SER B 66 11.68 -2.25 27.76
N ARG B 67 10.62 -2.33 28.56
CA ARG B 67 9.60 -1.29 28.59
C ARG B 67 10.10 0.12 28.89
N ASP B 68 11.36 0.25 29.25
CA ASP B 68 11.91 1.58 29.52
C ASP B 68 12.55 2.18 28.28
N GLY B 69 13.46 1.42 27.67
CA GLY B 69 14.13 1.84 26.44
C GLY B 69 13.19 2.37 25.36
N PHE B 70 12.10 1.63 25.12
CA PHE B 70 11.07 2.08 24.21
C PHE B 70 10.59 3.47 24.59
N LEU B 71 10.05 3.59 25.79
CA LEU B 71 9.57 4.87 26.27
C LEU B 71 10.62 6.00 26.12
N ILE B 72 11.90 5.66 26.24
CA ILE B 72 12.96 6.66 26.11
C ILE B 72 13.09 7.28 24.72
N VAL B 73 13.32 6.46 23.72
CA VAL B 73 13.52 6.98 22.38
C VAL B 73 12.27 7.72 21.90
N VAL B 74 11.11 7.29 22.38
CA VAL B 74 9.91 7.99 22.07
C VAL B 74 10.01 9.39 22.65
N LEU B 75 10.36 9.48 23.93
CA LEU B 75 10.53 10.79 24.54
C LEU B 75 11.62 11.58 23.87
N PHE B 76 12.77 10.95 23.63
CA PHE B 76 13.87 11.63 22.96
C PHE B 76 13.37 12.47 21.80
N TRP B 77 12.78 11.82 20.81
CA TRP B 77 12.20 12.52 19.66
C TRP B 77 10.99 13.39 20.03
N THR B 78 10.16 12.91 20.95
CA THR B 78 8.97 13.64 21.35
C THR B 78 9.30 14.99 21.96
N VAL B 79 10.25 14.98 22.89
CA VAL B 79 10.55 16.19 23.65
C VAL B 79 11.45 17.13 22.87
N LEU B 80 12.66 16.68 22.58
CA LEU B 80 13.61 17.52 21.84
C LEU B 80 13.01 18.07 20.55
N GLY B 81 11.93 17.47 20.06
CA GLY B 81 11.23 17.97 18.88
C GLY B 81 10.30 19.11 19.23
N SER B 82 9.73 19.05 20.44
CA SER B 82 8.86 20.09 20.96
C SER B 82 9.66 21.31 21.33
N ALA B 83 10.73 21.10 22.10
CA ALA B 83 11.65 22.17 22.39
C ALA B 83 11.97 22.95 21.12
N GLY B 84 12.43 22.23 20.10
CA GLY B 84 12.89 22.82 18.86
C GLY B 84 11.96 23.89 18.35
N SER B 85 10.67 23.74 18.67
CA SER B 85 9.65 24.67 18.21
C SER B 85 9.62 25.95 19.05
N LEU B 86 10.67 26.18 19.83
CA LEU B 86 10.69 27.37 20.68
C LEU B 86 11.28 28.61 20.02
N PRO B 87 12.53 28.54 19.54
CA PRO B 87 13.11 29.68 18.82
C PRO B 87 12.28 30.13 17.63
N PHE B 88 11.45 29.23 17.10
CA PHE B 88 10.54 29.60 16.03
C PHE B 88 9.41 30.37 16.66
N LEU B 89 8.75 29.73 17.62
CA LEU B 89 7.68 30.36 18.38
C LEU B 89 8.07 31.78 18.84
N ILE B 90 9.20 31.88 19.58
CA ILE B 90 9.68 33.16 20.16
C ILE B 90 10.05 34.17 19.09
N ALA B 91 11.12 33.85 18.35
CA ALA B 91 11.60 34.68 17.25
C ALA B 91 10.52 34.94 16.24
N ASP B 92 9.45 35.60 16.67
CA ASP B 92 8.42 36.00 15.74
C ASP B 92 8.99 37.19 14.94
N ASN B 93 10.21 36.98 14.43
CA ASN B 93 10.88 37.90 13.52
C ASN B 93 10.72 37.41 12.07
N PRO B 94 11.23 36.19 11.78
CA PRO B 94 10.76 35.42 10.60
C PRO B 94 9.48 34.73 11.04
N ASN B 95 8.62 35.53 11.65
CA ASN B 95 7.47 35.10 12.44
C ASN B 95 6.61 33.99 11.87
N ILE B 96 6.45 32.92 12.65
CA ILE B 96 5.71 31.74 12.21
C ILE B 96 4.55 31.38 13.16
N SER B 97 3.60 30.63 12.62
CA SER B 97 2.52 30.03 13.38
C SER B 97 3.03 29.11 14.50
N VAL B 98 2.12 28.51 15.27
CA VAL B 98 2.51 27.63 16.36
C VAL B 98 2.65 26.19 15.86
N THR B 99 1.60 25.70 15.21
CA THR B 99 1.65 24.42 14.56
C THR B 99 2.76 24.51 13.51
N ASP B 100 2.84 25.65 12.81
CA ASP B 100 3.95 25.84 11.88
C ASP B 100 5.31 25.66 12.57
N ALA B 101 5.51 26.31 13.72
CA ALA B 101 6.78 26.24 14.45
C ALA B 101 7.12 24.80 14.85
N PHE B 102 6.09 24.09 15.33
CA PHE B 102 6.20 22.66 15.66
C PHE B 102 6.56 21.78 14.49
N PHE B 103 5.87 22.03 13.37
CA PHE B 103 6.06 21.28 12.17
C PHE B 103 7.47 21.55 11.69
N GLU B 104 7.76 22.82 11.44
CA GLU B 104 9.05 23.18 10.90
C GLU B 104 10.17 22.76 11.84
N SER B 105 9.79 22.30 13.03
CA SER B 105 10.77 21.85 14.01
C SER B 105 10.94 20.33 13.96
N PHE B 106 9.83 19.61 14.13
CA PHE B 106 9.86 18.16 14.10
C PHE B 106 10.39 17.70 12.78
N SER B 107 9.99 18.39 11.73
CA SER B 107 10.48 18.05 10.41
C SER B 107 11.95 18.35 10.31
N ALA B 108 12.40 19.40 11.01
CA ALA B 108 13.82 19.74 11.02
C ALA B 108 14.63 18.68 11.77
N LEU B 109 14.12 18.30 12.93
CA LEU B 109 14.80 17.35 13.79
C LEU B 109 14.92 15.96 13.17
N THR B 110 13.81 15.50 12.62
CA THR B 110 13.65 14.12 12.15
C THR B 110 14.33 13.86 10.80
N THR B 111 15.23 14.76 10.40
CA THR B 111 15.75 14.78 9.04
C THR B 111 14.69 14.36 8.02
N THR B 112 13.47 14.90 8.19
CA THR B 112 12.42 14.71 7.21
C THR B 112 12.67 15.66 6.05
N GLY B 113 12.53 16.96 6.29
CA GLY B 113 12.84 17.97 5.28
C GLY B 113 11.63 18.66 4.69
N ALA B 114 10.54 18.70 5.45
CA ALA B 114 9.32 19.33 4.97
C ALA B 114 9.10 20.70 5.63
N THR B 115 8.93 21.74 4.80
CA THR B 115 8.90 23.12 5.30
C THR B 115 7.52 23.74 5.25
N VAL B 116 7.20 24.57 6.23
CA VAL B 116 5.96 25.33 6.20
C VAL B 116 6.26 26.82 6.13
N ILE B 117 7.53 27.17 6.36
CA ILE B 117 7.96 28.55 6.27
C ILE B 117 8.46 28.78 4.86
N VAL B 118 7.88 29.74 4.15
CA VAL B 118 8.35 29.95 2.79
C VAL B 118 8.96 31.35 2.65
N GLY B 119 9.74 31.56 1.60
CA GLY B 119 10.50 32.78 1.47
C GLY B 119 11.58 32.80 2.55
N LEU B 120 12.31 31.69 2.64
CA LEU B 120 13.38 31.57 3.60
C LEU B 120 14.69 32.08 3.02
N ASP B 121 14.70 32.31 1.70
CA ASP B 121 15.86 32.86 1.01
C ASP B 121 16.49 34.03 1.77
N GLU B 122 15.69 35.06 2.03
CA GLU B 122 16.14 36.24 2.77
C GLU B 122 15.61 36.22 4.20
N LEU B 123 16.33 35.55 5.07
CA LEU B 123 15.95 35.48 6.47
C LEU B 123 17.17 35.77 7.36
N PRO B 124 16.93 35.93 8.68
CA PRO B 124 18.01 35.95 9.67
C PRO B 124 18.83 34.66 9.60
N LYS B 125 20.15 34.78 9.55
CA LYS B 125 21.03 33.64 9.36
C LYS B 125 21.25 32.86 10.64
N ALA B 126 20.67 33.36 11.74
CA ALA B 126 20.65 32.62 12.99
C ALA B 126 19.49 31.63 12.94
N ILE B 127 18.38 32.05 12.32
CA ILE B 127 17.20 31.21 12.11
C ILE B 127 17.41 30.23 10.95
N LEU B 128 18.06 30.71 9.89
CA LEU B 128 18.36 29.86 8.76
C LEU B 128 19.26 28.73 9.25
N PHE B 129 20.26 29.08 10.05
CA PHE B 129 21.22 28.13 10.64
C PHE B 129 20.53 27.11 11.56
N TYR B 130 19.82 27.60 12.56
CA TYR B 130 19.03 26.74 13.43
C TYR B 130 18.27 25.65 12.69
N ARG B 131 17.72 25.99 11.52
CA ARG B 131 17.00 25.00 10.71
C ARG B 131 17.90 23.87 10.24
N GLN B 132 19.08 24.22 9.72
CA GLN B 132 20.04 23.23 9.23
C GLN B 132 20.64 22.44 10.38
N PHE B 133 20.84 23.11 11.50
CA PHE B 133 21.45 22.51 12.66
C PHE B 133 20.60 21.33 13.16
N LEU B 134 19.35 21.61 13.50
CA LEU B 134 18.44 20.59 13.99
C LEU B 134 18.49 19.32 13.16
N GLN B 135 18.71 19.48 11.86
CA GLN B 135 18.81 18.33 10.95
C GLN B 135 20.13 17.60 11.22
N TRP B 136 21.22 18.36 11.31
CA TRP B 136 22.55 17.81 11.53
C TRP B 136 22.59 17.07 12.86
N PHE B 137 21.92 17.62 13.85
CA PHE B 137 21.80 16.99 15.15
C PHE B 137 20.95 15.73 15.05
N GLY B 138 19.68 15.88 14.71
CA GLY B 138 18.83 14.72 14.52
C GLY B 138 19.53 13.64 13.74
N GLY B 139 20.37 14.08 12.79
CA GLY B 139 21.17 13.17 11.99
C GLY B 139 22.03 12.30 12.89
N MET B 140 22.59 12.90 13.93
CA MET B 140 23.39 12.15 14.87
C MET B 140 22.44 11.30 15.67
N GLY B 141 21.36 11.93 16.12
CA GLY B 141 20.37 11.25 16.92
C GLY B 141 19.93 9.91 16.34
N ILE B 142 20.18 9.70 15.06
CA ILE B 142 19.74 8.45 14.42
C ILE B 142 20.80 7.35 14.40
N ILE B 143 22.04 7.69 14.05
CA ILE B 143 23.11 6.70 13.96
C ILE B 143 23.47 6.07 15.32
N VAL B 144 23.51 6.90 16.35
CA VAL B 144 23.73 6.39 17.70
C VAL B 144 22.45 5.74 18.22
N LEU B 145 21.33 6.08 17.61
CA LEU B 145 20.07 5.44 17.99
C LEU B 145 19.94 4.10 17.28
N ALA B 146 20.58 3.97 16.13
CA ALA B 146 20.55 2.72 15.39
C ALA B 146 21.75 1.86 15.74
N VAL B 147 22.11 1.87 17.02
CA VAL B 147 23.21 1.05 17.54
C VAL B 147 22.85 0.69 18.99
N ALA B 148 22.20 1.62 19.67
CA ALA B 148 21.59 1.36 20.97
C ALA B 148 20.07 1.17 20.82
N ILE B 149 19.64 0.54 19.73
CA ILE B 149 18.22 0.26 19.48
C ILE B 149 18.11 -1.21 19.09
N LEU B 150 19.23 -1.76 18.64
CA LEU B 150 19.30 -3.18 18.30
C LEU B 150 18.94 -4.07 19.50
N PRO B 151 19.27 -3.62 20.72
CA PRO B 151 18.81 -4.35 21.91
C PRO B 151 17.29 -4.55 21.94
N VAL B 152 16.59 -4.01 20.95
CA VAL B 152 15.12 -4.09 20.96
C VAL B 152 14.48 -4.45 19.60
N LEU B 153 14.16 -3.47 18.76
CA LEU B 153 13.49 -3.72 17.46
C LEU B 153 14.43 -4.14 16.33
N GLY B 154 15.54 -3.43 16.17
CA GLY B 154 16.49 -3.72 15.10
C GLY B 154 17.39 -4.91 15.39
N ILE B 155 16.81 -6.11 15.36
CA ILE B 155 17.55 -7.36 15.62
C ILE B 155 18.07 -8.01 14.31
N GLY B 156 18.85 -9.08 14.45
CA GLY B 156 19.33 -9.85 13.31
C GLY B 156 20.07 -9.03 12.25
N GLY B 157 20.74 -7.97 12.70
CA GLY B 157 21.49 -7.10 11.81
C GLY B 157 22.39 -6.14 12.57
N MET B 174 24.46 -3.51 28.39
CA MET B 174 25.26 -2.34 28.03
C MET B 174 24.83 -1.11 28.84
N THR B 175 25.78 -0.19 29.04
CA THR B 175 25.51 1.10 29.65
C THR B 175 26.75 2.03 29.68
N PRO B 176 27.94 1.48 30.05
CA PRO B 176 29.19 2.25 29.99
C PRO B 176 30.04 1.98 28.73
N ARG B 177 29.50 1.30 27.73
CA ARG B 177 30.24 1.03 26.49
C ARG B 177 29.49 1.47 25.23
N ILE B 178 28.16 1.57 25.33
CA ILE B 178 27.37 2.13 24.23
C ILE B 178 27.83 3.55 23.98
N ALA B 179 28.38 4.16 25.03
CA ALA B 179 28.97 5.48 24.93
C ALA B 179 30.13 5.45 23.96
N GLU B 180 31.14 4.64 24.27
CA GLU B 180 32.34 4.56 23.43
C GLU B 180 32.02 3.95 22.06
N THR B 181 30.72 3.81 21.78
CA THR B 181 30.25 3.47 20.44
C THR B 181 30.03 4.77 19.68
N ALA B 182 29.01 5.51 20.10
CA ALA B 182 28.71 6.81 19.53
C ALA B 182 29.98 7.63 19.39
N LYS B 183 30.79 7.64 20.45
CA LYS B 183 32.09 8.30 20.44
C LYS B 183 32.73 8.16 19.07
N ALA B 184 32.73 6.94 18.56
CA ALA B 184 33.30 6.63 17.25
C ALA B 184 32.48 7.28 16.13
N LEU B 185 31.16 7.14 16.22
CA LEU B 185 30.26 7.70 15.24
C LEU B 185 30.52 9.19 15.05
N TRP B 186 30.61 9.93 16.16
CA TRP B 186 30.84 11.36 16.08
C TRP B 186 31.89 11.64 15.03
N TYR B 187 32.95 10.83 15.01
CA TYR B 187 34.06 11.08 14.12
C TYR B 187 33.68 10.87 12.66
N ILE B 188 33.08 9.72 12.38
CA ILE B 188 32.63 9.43 11.04
C ILE B 188 31.71 10.57 10.60
N TYR B 189 30.87 10.99 11.53
CA TYR B 189 29.88 12.03 11.26
C TYR B 189 30.58 13.34 10.99
N LEU B 190 31.49 13.71 11.89
CA LEU B 190 32.24 14.95 11.82
C LEU B 190 33.12 14.99 10.58
N SER B 191 33.84 13.91 10.32
CA SER B 191 34.69 13.86 9.14
C SER B 191 33.91 14.19 7.88
N LEU B 192 32.69 13.68 7.81
CA LEU B 192 31.88 13.82 6.62
C LEU B 192 31.30 15.23 6.44
N THR B 193 30.84 15.82 7.52
CA THR B 193 30.19 17.12 7.43
C THR B 193 31.24 18.19 7.15
N ILE B 194 32.49 17.87 7.41
CA ILE B 194 33.58 18.78 7.05
C ILE B 194 34.07 18.43 5.66
N ALA B 195 34.38 17.16 5.45
CA ALA B 195 34.90 16.70 4.16
C ALA B 195 34.00 17.23 3.06
N CYS B 196 32.72 17.32 3.39
CA CYS B 196 31.72 17.84 2.48
C CYS B 196 31.78 19.37 2.46
N ALA B 197 31.46 19.99 3.59
CA ALA B 197 31.32 21.46 3.65
C ALA B 197 32.44 22.20 2.95
N VAL B 198 33.66 21.65 3.04
CA VAL B 198 34.81 22.20 2.32
C VAL B 198 34.66 22.02 0.81
N ALA B 199 34.37 20.80 0.39
CA ALA B 199 34.15 20.49 -1.02
C ALA B 199 33.01 21.36 -1.58
N PHE B 200 32.04 21.68 -0.73
CA PHE B 200 30.91 22.54 -1.11
C PHE B 200 31.36 23.98 -1.27
N TRP B 201 32.32 24.37 -0.43
CA TRP B 201 32.84 25.73 -0.44
C TRP B 201 33.65 25.99 -1.71
N LEU B 202 34.48 25.02 -2.07
CA LEU B 202 35.24 25.11 -3.30
C LEU B 202 34.30 25.17 -4.49
N ALA B 203 33.12 24.59 -4.32
CA ALA B 203 32.11 24.63 -5.37
C ALA B 203 31.71 26.07 -5.55
N GLY B 204 31.82 26.83 -4.48
CA GLY B 204 31.52 28.26 -4.53
C GLY B 204 30.42 28.66 -3.60
N MET B 205 29.90 27.70 -2.85
CA MET B 205 28.88 28.02 -1.87
C MET B 205 29.47 29.00 -0.88
N THR B 206 28.74 30.06 -0.56
CA THR B 206 29.13 30.90 0.56
C THR B 206 29.44 30.01 1.76
N PRO B 207 30.46 30.37 2.56
CA PRO B 207 30.84 29.53 3.69
C PRO B 207 29.62 29.09 4.48
N PHE B 208 28.72 30.03 4.77
CA PHE B 208 27.50 29.72 5.49
C PHE B 208 26.58 28.76 4.72
N ASP B 209 26.45 28.96 3.41
CA ASP B 209 25.68 28.05 2.56
C ASP B 209 26.46 26.76 2.27
N ALA B 210 27.60 26.59 2.91
CA ALA B 210 28.42 25.39 2.69
C ALA B 210 28.39 24.55 3.95
N ILE B 211 28.15 25.21 5.06
CA ILE B 211 28.20 24.54 6.35
C ILE B 211 26.78 24.29 6.83
N SER B 212 25.83 24.99 6.24
CA SER B 212 24.42 24.80 6.60
C SER B 212 23.76 23.80 5.65
N HIS B 213 24.40 23.61 4.50
CA HIS B 213 23.98 22.60 3.52
C HIS B 213 24.71 21.29 3.76
N SER B 214 25.98 21.37 4.12
CA SER B 214 26.71 20.17 4.49
C SER B 214 26.19 19.63 5.82
N PHE B 215 25.29 20.38 6.46
CA PHE B 215 24.59 19.86 7.64
C PHE B 215 23.46 18.95 7.20
N SER B 216 22.58 19.48 6.37
CA SER B 216 21.39 18.73 5.95
C SER B 216 21.71 17.82 4.79
N THR B 217 22.98 17.63 4.46
CA THR B 217 23.30 16.69 3.42
C THR B 217 23.75 15.35 3.98
N ILE B 218 24.52 15.38 5.06
CA ILE B 218 24.95 14.14 5.70
C ILE B 218 23.76 13.52 6.41
N ALA B 219 22.86 14.37 6.91
CA ALA B 219 21.74 13.91 7.71
C ALA B 219 20.57 13.44 6.85
N ILE B 220 20.77 13.38 5.53
CA ILE B 220 19.69 12.96 4.65
C ILE B 220 18.44 13.73 5.10
N GLY B 221 18.63 15.03 5.29
CA GLY B 221 17.61 15.89 5.84
C GLY B 221 16.77 16.50 4.74
N GLY B 222 17.36 17.43 4.00
CA GLY B 222 16.67 17.96 2.84
C GLY B 222 16.50 19.47 2.88
N PHE B 223 16.74 20.07 4.04
CA PHE B 223 16.62 21.52 4.20
C PHE B 223 17.66 22.33 3.40
N SER B 224 17.25 23.48 2.88
CA SER B 224 18.18 24.36 2.20
C SER B 224 18.03 25.78 2.67
N THR B 225 19.04 26.62 2.43
CA THR B 225 18.88 28.06 2.62
C THR B 225 18.00 28.63 1.51
N HIS B 226 18.52 28.61 0.27
CA HIS B 226 17.70 28.94 -0.89
C HIS B 226 16.29 28.36 -0.73
N ASP B 227 15.29 29.08 -1.26
CA ASP B 227 13.92 28.60 -1.19
C ASP B 227 13.72 27.38 -2.08
N ALA B 228 14.37 27.39 -3.25
CA ALA B 228 14.27 26.28 -4.20
C ALA B 228 15.39 25.26 -4.04
N SER B 229 15.61 24.80 -2.80
CA SER B 229 16.70 23.88 -2.45
C SER B 229 17.89 23.90 -3.43
N MET B 230 18.31 22.74 -3.91
CA MET B 230 19.50 22.66 -4.75
C MET B 230 19.32 23.25 -6.13
N GLY B 231 18.13 23.82 -6.40
CA GLY B 231 17.93 24.66 -7.57
C GLY B 231 19.01 25.73 -7.52
N TYR B 232 19.22 26.26 -6.32
CA TYR B 232 20.49 26.87 -5.92
C TYR B 232 21.22 27.54 -7.05
N PHE B 233 22.43 27.04 -7.30
CA PHE B 233 23.26 27.42 -8.44
C PHE B 233 23.27 26.22 -9.35
N ASP B 234 22.98 26.44 -10.62
CA ASP B 234 22.82 25.36 -11.58
C ASP B 234 24.07 24.51 -11.79
N SER B 235 24.98 24.51 -10.82
CA SER B 235 26.28 23.88 -10.99
C SER B 235 26.27 22.35 -10.89
N TYR B 236 26.63 21.69 -11.98
CA TYR B 236 26.75 20.23 -11.97
C TYR B 236 27.75 19.82 -10.90
N ALA B 237 28.61 20.76 -10.49
CA ALA B 237 29.69 20.49 -9.54
C ALA B 237 29.15 20.31 -8.14
N ILE B 238 28.14 21.11 -7.78
CA ILE B 238 27.48 20.92 -6.51
C ILE B 238 26.62 19.66 -6.55
N ASN B 239 25.77 19.55 -7.57
CA ASN B 239 24.92 18.37 -7.76
C ASN B 239 25.71 17.06 -7.83
N LEU B 240 27.02 17.15 -7.95
CA LEU B 240 27.86 15.97 -8.03
C LEU B 240 28.41 15.63 -6.66
N ILE B 241 28.57 16.65 -5.85
CA ILE B 241 29.05 16.49 -4.50
C ILE B 241 27.94 15.89 -3.68
N THR B 242 26.81 16.57 -3.68
CA THR B 242 25.67 16.11 -2.90
C THR B 242 25.41 14.65 -3.20
N VAL B 243 25.26 14.32 -4.47
CA VAL B 243 24.92 12.94 -4.84
C VAL B 243 25.94 11.93 -4.28
N VAL B 244 27.19 12.35 -4.17
CA VAL B 244 28.22 11.48 -3.61
C VAL B 244 28.03 11.26 -2.13
N PHE B 245 28.01 12.35 -1.37
CA PHE B 245 27.86 12.27 0.08
C PHE B 245 26.49 11.78 0.53
N LEU B 246 25.50 11.83 -0.36
CA LEU B 246 24.23 11.17 -0.08
C LEU B 246 24.48 9.67 -0.13
N LEU B 247 25.00 9.18 -1.26
CA LEU B 247 25.33 7.76 -1.39
C LEU B 247 26.15 7.24 -0.22
N ILE B 248 27.23 7.95 0.10
CA ILE B 248 28.08 7.62 1.25
C ILE B 248 27.30 7.60 2.56
N SER B 249 26.62 8.71 2.87
CA SER B 249 25.88 8.84 4.11
C SER B 249 24.69 7.88 4.14
N ALA B 250 24.13 7.62 2.97
CA ALA B 250 23.00 6.72 2.86
C ALA B 250 23.46 5.28 2.98
N CYS B 251 24.74 5.06 3.35
CA CYS B 251 25.21 3.69 3.49
C CYS B 251 25.88 3.20 4.77
N ASN B 252 25.08 3.10 5.83
CA ASN B 252 25.37 2.23 6.95
C ASN B 252 26.72 2.51 7.59
N PHE B 253 26.72 3.21 8.72
CA PHE B 253 27.95 3.72 9.33
C PHE B 253 28.86 2.67 9.99
N THR B 254 28.31 1.49 10.30
CA THR B 254 29.09 0.41 10.87
C THR B 254 29.97 -0.26 9.80
N LEU B 255 29.69 0.05 8.53
CA LEU B 255 30.55 -0.36 7.43
C LEU B 255 31.67 0.64 7.23
N HIS B 256 31.41 1.88 7.63
CA HIS B 256 32.41 2.93 7.59
C HIS B 256 33.42 2.71 8.71
N PHE B 257 32.90 2.35 9.89
CA PHE B 257 33.74 2.00 11.03
C PHE B 257 34.75 0.94 10.62
N ALA B 258 34.32 0.07 9.72
CA ALA B 258 35.19 -1.00 9.23
C ALA B 258 36.31 -0.44 8.35
N ALA B 259 35.94 0.43 7.42
CA ALA B 259 36.92 0.97 6.51
C ALA B 259 37.86 1.93 7.21
N PHE B 260 37.40 2.51 8.33
CA PHE B 260 38.13 3.62 8.95
C PHE B 260 38.41 3.50 10.46
N ALA B 261 38.53 2.27 10.94
CA ALA B 261 39.07 2.01 12.27
C ALA B 261 40.46 1.42 12.05
N SER B 262 40.79 1.24 10.78
CA SER B 262 42.09 0.73 10.35
C SER B 262 42.74 1.72 9.39
N GLY B 263 42.08 1.97 8.27
CA GLY B 263 42.60 2.91 7.29
C GLY B 263 42.36 2.43 5.87
N GLY B 264 43.40 1.91 5.23
CA GLY B 264 43.31 1.39 3.88
C GLY B 264 42.72 0.00 3.84
N VAL B 265 41.95 -0.34 4.87
CA VAL B 265 41.31 -1.64 4.97
C VAL B 265 39.89 -1.57 4.40
N HIS B 266 39.61 -0.49 3.68
CA HIS B 266 38.29 -0.22 3.11
C HIS B 266 37.76 -1.20 2.07
N PRO B 267 38.58 -1.55 1.07
CA PRO B 267 38.16 -2.19 -0.19
C PRO B 267 36.89 -3.02 -0.12
N LYS B 268 37.04 -4.33 -0.18
CA LYS B 268 35.89 -5.22 -0.22
C LYS B 268 35.05 -5.19 1.06
N TYR B 269 35.48 -4.45 2.10
CA TYR B 269 34.69 -4.38 3.33
C TYR B 269 33.22 -4.04 3.03
N TYR B 270 33.03 -3.21 2.02
CA TYR B 270 31.72 -2.81 1.55
C TYR B 270 31.13 -3.84 0.60
N TRP B 271 31.81 -4.05 -0.52
CA TRP B 271 31.33 -4.96 -1.56
C TRP B 271 31.02 -6.34 -1.02
N LYS B 272 31.46 -6.62 0.20
CA LYS B 272 31.20 -7.91 0.83
C LYS B 272 29.85 -7.94 1.53
N ASP B 273 29.44 -6.82 2.11
CA ASP B 273 28.11 -6.73 2.70
C ASP B 273 27.05 -6.74 1.59
N PRO B 274 25.99 -7.57 1.76
CA PRO B 274 24.97 -7.77 0.75
C PRO B 274 23.96 -6.62 0.71
N GLU B 275 23.72 -5.99 1.86
CA GLU B 275 22.81 -4.86 1.90
C GLU B 275 23.45 -3.71 1.17
N PHE B 276 24.71 -3.43 1.48
CA PHE B 276 25.45 -2.45 0.72
C PHE B 276 25.42 -2.76 -0.77
N ARG B 277 25.63 -4.01 -1.12
CA ARG B 277 25.59 -4.40 -2.53
C ARG B 277 24.20 -4.13 -3.13
N ALA B 278 23.20 -4.79 -2.54
CA ALA B 278 21.82 -4.62 -2.97
C ALA B 278 21.49 -3.16 -3.19
N PHE B 279 21.76 -2.34 -2.18
CA PHE B 279 21.58 -0.92 -2.32
C PHE B 279 22.25 -0.36 -3.58
N ILE B 280 23.46 -0.80 -3.91
CA ILE B 280 24.13 -0.25 -5.09
C ILE B 280 23.45 -0.64 -6.39
N PHE B 281 22.96 -1.87 -6.46
CA PHE B 281 22.25 -2.32 -7.65
C PHE B 281 21.04 -1.44 -7.90
N ILE B 282 20.30 -1.17 -6.81
CA ILE B 282 19.09 -0.35 -6.82
C ILE B 282 19.33 1.09 -7.30
N GLN B 283 20.51 1.61 -6.99
CA GLN B 283 20.83 2.98 -7.33
C GLN B 283 21.20 3.09 -8.78
N VAL B 284 21.94 2.10 -9.27
CA VAL B 284 22.32 2.12 -10.67
C VAL B 284 21.07 1.86 -11.52
N LEU B 285 20.31 0.84 -11.16
CA LEU B 285 19.15 0.49 -11.94
C LEU B 285 18.15 1.63 -11.99
N LEU B 286 17.89 2.24 -10.85
CA LEU B 286 16.92 3.33 -10.74
C LEU B 286 17.29 4.52 -11.62
N PHE B 287 18.58 4.83 -11.64
CA PHE B 287 19.09 5.95 -12.42
C PHE B 287 19.01 5.65 -13.91
N LEU B 288 19.35 4.41 -14.26
CA LEU B 288 19.23 3.93 -15.63
C LEU B 288 17.84 4.19 -16.16
N VAL B 289 16.84 3.62 -15.47
CA VAL B 289 15.44 3.71 -15.90
C VAL B 289 14.97 5.14 -15.97
N CYS B 290 15.52 5.98 -15.09
CA CYS B 290 15.15 7.39 -15.03
C CYS B 290 15.87 8.19 -16.13
N PHE B 291 17.16 7.96 -16.29
CA PHE B 291 17.96 8.66 -17.26
C PHE B 291 17.56 8.36 -18.70
N LEU B 292 17.18 7.12 -18.96
CA LEU B 292 16.82 6.70 -20.31
C LEU B 292 15.46 7.26 -20.76
N LEU B 293 14.56 7.39 -19.81
CA LEU B 293 13.21 7.84 -20.10
C LEU B 293 13.16 9.35 -20.20
N LEU B 294 14.24 10.00 -19.80
CA LEU B 294 14.38 11.43 -19.97
C LEU B 294 14.76 11.71 -21.41
N LEU B 295 15.27 10.69 -22.07
CA LEU B 295 15.75 10.85 -23.43
C LEU B 295 14.73 10.32 -24.41
N LYS B 296 13.91 9.38 -23.98
CA LYS B 296 12.85 8.90 -24.83
C LYS B 296 11.80 10.00 -25.05
N HIS B 297 11.61 10.85 -24.04
CA HIS B 297 10.58 11.89 -24.14
C HIS B 297 11.17 13.28 -24.32
N HIS B 298 12.47 13.31 -24.60
CA HIS B 298 13.21 14.53 -24.95
C HIS B 298 13.04 15.65 -23.92
N SER B 299 13.18 15.31 -22.65
CA SER B 299 12.88 16.26 -21.58
C SER B 299 13.93 17.34 -21.47
N TYR B 300 15.12 17.06 -21.98
CA TYR B 300 16.14 18.08 -22.08
C TYR B 300 16.77 18.09 -23.47
N THR B 301 17.27 19.26 -23.85
CA THR B 301 17.77 19.46 -25.20
C THR B 301 19.25 19.09 -25.26
N SER B 302 19.85 18.93 -24.10
CA SER B 302 21.24 18.51 -23.99
C SER B 302 21.34 17.27 -23.12
N PRO B 303 21.56 16.10 -23.75
CA PRO B 303 21.69 14.82 -23.06
C PRO B 303 22.62 14.84 -21.87
N TYR B 304 23.24 15.99 -21.62
CA TYR B 304 24.04 16.18 -20.41
C TYR B 304 23.15 16.57 -19.24
N ASP B 305 22.32 17.59 -19.43
CA ASP B 305 21.34 17.98 -18.42
C ASP B 305 20.51 16.77 -17.99
N ALA B 306 20.09 15.97 -18.97
CA ALA B 306 19.38 14.72 -18.68
C ALA B 306 20.16 13.96 -17.62
N PHE B 307 21.42 13.68 -17.92
CA PHE B 307 22.31 12.99 -16.99
C PHE B 307 22.33 13.66 -15.62
N ASP B 308 22.53 14.98 -15.62
CA ASP B 308 22.61 15.72 -14.36
C ASP B 308 21.37 15.48 -13.52
N GLN B 309 20.24 15.98 -14.00
CA GLN B 309 19.00 15.92 -13.21
C GLN B 309 18.58 14.49 -12.85
N ALA B 310 18.64 13.58 -13.82
CA ALA B 310 18.23 12.21 -13.61
C ALA B 310 18.97 11.58 -12.45
N LEU B 311 20.29 11.70 -12.47
CA LEU B 311 21.16 11.12 -11.46
C LEU B 311 20.99 11.75 -10.06
N PHE B 312 20.76 13.06 -10.03
CA PHE B 312 20.57 13.73 -8.77
C PHE B 312 19.32 13.21 -8.12
N GLN B 313 18.20 13.32 -8.84
CA GLN B 313 16.91 12.93 -8.30
C GLN B 313 16.92 11.49 -7.77
N THR B 314 17.18 10.53 -8.67
CA THR B 314 17.13 9.12 -8.29
C THR B 314 18.01 8.79 -7.09
N VAL B 315 18.62 9.80 -6.49
CA VAL B 315 19.56 9.59 -5.39
C VAL B 315 19.11 10.36 -4.17
N SER B 316 18.67 11.60 -4.39
CA SER B 316 18.27 12.44 -3.27
C SER B 316 16.92 11.98 -2.79
N ILE B 317 16.01 11.73 -3.72
CA ILE B 317 14.67 11.32 -3.31
C ILE B 317 14.62 9.82 -3.10
N SER B 318 15.55 9.07 -3.69
CA SER B 318 15.62 7.64 -3.44
C SER B 318 16.00 7.31 -2.02
N THR B 319 16.95 8.08 -1.48
CA THR B 319 17.57 7.83 -0.18
C THR B 319 16.84 8.57 0.92
N THR B 320 15.63 9.02 0.63
CA THR B 320 14.85 9.83 1.56
C THR B 320 15.61 11.08 2.02
N ALA B 321 16.41 11.65 1.12
CA ALA B 321 17.12 12.88 1.45
C ALA B 321 16.18 14.04 1.24
N GLY B 322 15.88 14.33 -0.01
CA GLY B 322 14.77 15.20 -0.32
C GLY B 322 15.14 16.41 -1.12
N PHE B 323 16.38 16.44 -1.59
CA PHE B 323 16.82 17.60 -2.34
C PHE B 323 16.23 17.51 -3.73
N THR B 324 15.90 18.66 -4.34
CA THR B 324 15.33 18.70 -5.68
C THR B 324 15.94 19.81 -6.52
N THR B 325 16.27 19.52 -7.77
CA THR B 325 16.78 20.55 -8.66
C THR B 325 15.79 20.82 -9.77
N THR B 326 14.81 19.94 -9.90
CA THR B 326 13.81 20.10 -10.95
C THR B 326 12.47 20.51 -10.40
N GLY B 327 11.63 21.00 -11.30
CA GLY B 327 10.22 21.13 -11.02
C GLY B 327 9.56 19.90 -11.59
N PHE B 328 10.32 19.17 -12.40
CA PHE B 328 9.83 18.03 -13.20
C PHE B 328 9.09 18.52 -14.44
N ALA B 329 9.79 19.43 -15.13
CA ALA B 329 9.32 20.10 -16.34
C ALA B 329 8.56 19.20 -17.31
N ASP B 330 9.27 18.75 -18.36
CA ASP B 330 8.71 17.87 -19.38
C ASP B 330 8.94 16.40 -18.98
N TRP B 331 9.27 16.18 -17.71
CA TRP B 331 9.42 14.83 -17.17
C TRP B 331 8.11 14.07 -17.31
N PRO B 332 8.19 12.83 -17.78
CA PRO B 332 7.01 11.99 -17.84
C PRO B 332 6.44 11.78 -16.44
N LEU B 333 5.12 11.94 -16.29
CA LEU B 333 4.45 11.71 -15.03
C LEU B 333 5.03 10.50 -14.31
N PHE B 334 5.20 9.41 -15.04
CA PHE B 334 5.77 8.18 -14.51
C PHE B 334 6.95 8.38 -13.53
N LEU B 335 7.98 9.09 -13.95
CA LEU B 335 9.22 9.21 -13.17
C LEU B 335 9.10 9.74 -11.74
N PRO B 336 8.41 10.88 -11.54
CA PRO B 336 8.17 11.28 -10.15
C PRO B 336 7.49 10.16 -9.35
N VAL B 337 6.31 9.73 -9.80
CA VAL B 337 5.55 8.67 -9.15
C VAL B 337 6.38 7.44 -8.83
N LEU B 338 7.24 7.06 -9.76
CA LEU B 338 8.19 5.98 -9.50
C LEU B 338 9.19 6.40 -8.43
N LEU B 339 9.58 7.65 -8.48
CA LEU B 339 10.51 8.16 -7.49
C LEU B 339 9.84 8.24 -6.13
N LEU B 340 8.53 8.55 -6.11
CA LEU B 340 7.77 8.58 -4.85
C LEU B 340 7.73 7.22 -4.15
N PHE B 341 7.80 6.15 -4.92
CA PHE B 341 7.80 4.83 -4.33
C PHE B 341 9.21 4.47 -3.90
N SER B 342 10.20 4.98 -4.63
CA SER B 342 11.60 4.75 -4.30
C SER B 342 11.90 5.05 -2.84
N SER B 343 11.37 6.17 -2.37
CA SER B 343 11.55 6.59 -0.99
C SER B 343 11.15 5.53 0.03
N PHE B 344 10.44 4.49 -0.40
CA PHE B 344 10.05 3.44 0.53
C PHE B 344 11.22 2.51 0.82
N ILE B 345 12.30 2.72 0.08
CA ILE B 345 13.50 1.93 0.23
C ILE B 345 14.60 2.80 0.84
N GLY B 346 15.56 3.16 0.00
CA GLY B 346 16.60 4.15 0.27
C GLY B 346 17.17 4.20 1.66
N GLY B 347 18.49 4.09 1.75
CA GLY B 347 19.19 4.15 3.02
C GLY B 347 19.43 2.79 3.65
N CYS B 348 20.64 2.28 3.48
CA CYS B 348 21.00 1.04 4.14
C CYS B 348 20.57 1.20 5.60
N ALA B 349 20.51 0.09 6.33
CA ALA B 349 20.20 0.13 7.75
C ALA B 349 21.35 0.85 8.44
N GLY B 350 21.10 1.39 9.63
CA GLY B 350 22.15 2.09 10.35
C GLY B 350 22.76 3.19 9.48
N SER B 351 21.88 3.89 8.75
CA SER B 351 22.24 5.04 7.92
C SER B 351 21.46 6.26 8.41
N THR B 352 21.23 7.22 7.53
CA THR B 352 20.48 8.40 7.91
C THR B 352 19.23 8.42 7.05
N GLY B 353 18.90 7.24 6.52
CA GLY B 353 17.87 7.06 5.53
C GLY B 353 16.46 7.20 6.05
N GLY B 354 15.64 6.15 5.94
CA GLY B 354 14.31 6.24 6.50
C GLY B 354 13.16 5.43 5.96
N GLY B 355 13.24 5.00 4.69
CA GLY B 355 12.25 4.10 4.16
C GLY B 355 12.46 2.79 4.90
N MET B 356 11.53 1.86 4.82
CA MET B 356 11.80 0.55 5.40
C MET B 356 13.07 0.00 4.74
N LYS B 357 14.20 0.20 5.42
CA LYS B 357 15.53 0.21 4.81
C LYS B 357 15.90 -0.89 3.81
N VAL B 358 16.97 -0.64 3.06
CA VAL B 358 17.40 -1.55 2.01
C VAL B 358 17.19 -3.04 2.31
N ILE B 359 17.76 -3.56 3.40
CA ILE B 359 17.58 -4.98 3.68
C ILE B 359 16.12 -5.33 3.75
N ARG B 360 15.39 -4.62 4.59
CA ARG B 360 13.99 -4.97 4.81
C ARG B 360 13.35 -5.30 3.47
N ILE B 361 13.70 -4.54 2.44
CA ILE B 361 13.34 -4.91 1.07
C ILE B 361 14.08 -6.19 0.64
N LEU B 362 15.39 -6.10 0.54
CA LEU B 362 16.20 -7.25 0.18
C LEU B 362 15.64 -8.51 0.75
N LEU B 363 15.50 -8.56 2.05
CA LEU B 363 14.85 -9.67 2.71
C LEU B 363 13.46 -9.91 2.17
N LEU B 364 12.61 -8.90 2.24
CA LEU B 364 11.25 -9.02 1.75
C LEU B 364 11.15 -9.74 0.38
N THR B 365 12.03 -9.39 -0.55
CA THR B 365 11.98 -9.98 -1.88
C THR B 365 12.54 -11.39 -1.89
N LEU B 366 13.24 -11.76 -0.83
CA LEU B 366 13.75 -13.11 -0.76
C LEU B 366 12.72 -13.96 -0.09
N GLN B 367 12.06 -13.38 0.91
CA GLN B 367 11.12 -14.12 1.72
C GLN B 367 9.88 -14.36 0.92
N GLY B 368 9.61 -13.43 0.01
CA GLY B 368 8.56 -13.60 -0.97
C GLY B 368 8.91 -14.67 -1.97
N ALA B 369 10.15 -14.63 -2.48
CA ALA B 369 10.60 -15.65 -3.40
C ALA B 369 10.36 -17.03 -2.81
N ARG B 370 11.05 -17.34 -1.72
CA ARG B 370 10.87 -18.60 -1.02
C ARG B 370 9.42 -19.08 -1.11
N GLU B 371 8.49 -18.13 -1.12
CA GLU B 371 7.05 -18.42 -1.07
C GLU B 371 6.44 -18.98 -2.33
N LEU B 372 6.93 -18.53 -3.47
CA LEU B 372 6.56 -19.08 -4.77
C LEU B 372 7.13 -20.48 -4.94
N LYS B 373 8.44 -20.64 -4.69
CA LYS B 373 9.04 -21.98 -4.73
C LYS B 373 8.26 -22.93 -3.83
N ARG B 374 7.83 -22.44 -2.66
CA ARG B 374 7.06 -23.27 -1.76
C ARG B 374 5.69 -23.61 -2.35
N LEU B 375 5.48 -23.26 -3.61
CA LEU B 375 4.25 -23.59 -4.32
C LEU B 375 4.49 -24.71 -5.30
N VAL B 376 5.71 -24.80 -5.82
CA VAL B 376 6.09 -25.85 -6.76
C VAL B 376 6.70 -27.07 -6.08
N HIS B 377 7.67 -26.84 -5.20
CA HIS B 377 8.28 -27.90 -4.43
C HIS B 377 7.87 -27.82 -2.97
N PRO B 378 6.62 -28.23 -2.66
CA PRO B 378 6.09 -28.08 -1.30
C PRO B 378 6.78 -29.03 -0.32
N ARG B 379 7.72 -29.81 -0.83
CA ARG B 379 8.48 -30.74 -0.01
C ARG B 379 9.79 -30.10 0.42
N ALA B 380 10.62 -29.79 -0.56
CA ALA B 380 11.94 -29.22 -0.31
C ALA B 380 11.92 -28.17 0.80
N VAL B 381 13.03 -28.05 1.51
CA VAL B 381 13.16 -27.13 2.64
C VAL B 381 14.14 -25.99 2.35
N TYR B 382 13.60 -24.81 2.03
CA TYR B 382 14.42 -23.65 1.76
C TYR B 382 14.57 -22.84 3.04
N THR B 383 15.68 -22.11 3.16
CA THR B 383 15.90 -21.25 4.32
C THR B 383 16.55 -19.94 3.90
N ILE B 384 15.81 -18.85 3.99
CA ILE B 384 16.28 -17.58 3.46
C ILE B 384 17.63 -17.20 4.06
N LYS B 385 18.63 -17.02 3.19
CA LYS B 385 20.00 -16.75 3.61
C LYS B 385 20.60 -15.58 2.84
N VAL B 386 21.39 -14.78 3.54
CA VAL B 386 22.05 -13.61 2.95
C VAL B 386 23.56 -13.84 2.64
N GLY B 387 24.31 -14.18 3.68
CA GLY B 387 25.64 -14.76 3.54
C GLY B 387 25.56 -16.11 4.20
N GLY B 388 24.92 -16.15 5.37
CA GLY B 388 24.72 -17.38 6.10
C GLY B 388 23.45 -17.45 6.93
N SER B 389 22.29 -17.46 6.27
CA SER B 389 21.04 -17.94 6.87
C SER B 389 20.32 -17.09 7.93
N ALA B 390 19.27 -16.37 7.52
CA ALA B 390 18.41 -15.64 8.46
C ALA B 390 17.67 -16.66 9.32
N LEU B 391 16.70 -16.22 10.10
CA LEU B 391 16.07 -17.10 11.07
C LEU B 391 14.60 -17.35 10.80
N PRO B 392 14.29 -18.04 9.67
CA PRO B 392 12.98 -18.33 9.02
C PRO B 392 11.75 -18.59 9.93
N GLN B 393 11.98 -18.57 11.24
CA GLN B 393 10.92 -18.61 12.22
C GLN B 393 10.78 -17.23 12.84
N ARG B 394 11.90 -16.50 12.91
CA ARG B 394 11.95 -15.33 13.78
C ARG B 394 12.19 -13.97 13.11
N VAL B 395 13.34 -13.79 12.50
CA VAL B 395 13.61 -12.49 11.88
C VAL B 395 12.77 -12.35 10.64
N VAL B 396 12.52 -13.48 9.97
CA VAL B 396 11.69 -13.45 8.79
C VAL B 396 10.32 -12.96 9.15
N ASP B 397 9.81 -13.41 10.28
CA ASP B 397 8.48 -13.01 10.74
C ASP B 397 8.46 -11.51 11.07
N ALA B 398 9.51 -11.03 11.72
CA ALA B 398 9.63 -9.62 12.04
C ALA B 398 9.61 -8.75 10.78
N VAL B 399 10.45 -9.04 9.80
CA VAL B 399 10.45 -8.25 8.57
C VAL B 399 9.01 -8.08 8.05
N TRP B 400 8.46 -9.08 7.37
CA TRP B 400 7.13 -8.92 6.78
C TRP B 400 5.99 -8.97 7.79
N GLY B 401 6.27 -8.44 8.98
CA GLY B 401 5.24 -8.06 9.92
C GLY B 401 5.34 -6.56 10.02
N PHE B 402 6.58 -6.08 9.90
CA PHE B 402 6.89 -4.66 9.90
C PHE B 402 6.31 -4.03 8.65
N PHE B 403 6.42 -4.76 7.55
CA PHE B 403 5.94 -4.25 6.28
C PHE B 403 4.45 -3.97 6.40
N SER B 404 3.69 -5.03 6.68
CA SER B 404 2.26 -4.89 6.89
C SER B 404 1.95 -3.64 7.70
N ALA B 405 2.52 -3.54 8.91
CA ALA B 405 2.31 -2.37 9.77
C ALA B 405 2.62 -1.06 9.03
N TYR B 406 3.77 -1.01 8.39
CA TYR B 406 4.17 0.16 7.63
C TYR B 406 3.08 0.60 6.72
N ALA B 407 2.43 -0.37 6.09
CA ALA B 407 1.32 -0.10 5.18
C ALA B 407 0.07 0.27 5.94
N LEU B 408 -0.13 -0.33 7.12
CA LEU B 408 -1.30 -0.02 7.89
C LEU B 408 -1.21 1.42 8.34
N VAL B 409 -0.06 1.79 8.88
CA VAL B 409 0.17 3.18 9.17
C VAL B 409 -0.15 4.08 7.97
N PHE B 410 0.52 3.83 6.85
CA PHE B 410 0.32 4.66 5.65
C PHE B 410 -1.15 4.88 5.30
N VAL B 411 -1.91 3.80 5.29
CA VAL B 411 -3.34 3.86 5.00
C VAL B 411 -4.13 4.67 6.03
N VAL B 412 -3.84 4.49 7.32
CA VAL B 412 -4.59 5.26 8.31
C VAL B 412 -4.25 6.72 8.21
N CYS B 413 -2.97 7.05 8.01
CA CYS B 413 -2.51 8.43 7.87
C CYS B 413 -3.11 9.19 6.69
N MET B 414 -3.24 8.50 5.57
CA MET B 414 -3.81 9.08 4.37
C MET B 414 -5.31 9.28 4.56
N LEU B 415 -5.91 8.36 5.30
CA LEU B 415 -7.33 8.34 5.51
C LEU B 415 -7.71 9.41 6.54
N GLY B 416 -6.76 9.74 7.40
CA GLY B 416 -6.98 10.72 8.45
C GLY B 416 -6.69 12.09 7.92
N LEU B 417 -5.71 12.17 7.01
CA LEU B 417 -5.45 13.39 6.24
C LEU B 417 -6.59 13.74 5.26
N ILE B 418 -7.30 12.72 4.79
CA ILE B 418 -8.41 12.95 3.86
C ILE B 418 -9.66 13.39 4.60
N ALA B 419 -9.79 12.90 5.83
CA ALA B 419 -10.89 13.30 6.67
C ALA B 419 -10.58 14.70 7.14
N THR B 420 -9.35 14.88 7.60
CA THR B 420 -8.89 16.13 8.17
C THR B 420 -9.29 17.30 7.28
N GLY B 421 -9.43 17.04 6.00
CA GLY B 421 -9.75 18.08 5.05
C GLY B 421 -9.13 17.84 3.71
N MET B 422 -7.82 18.06 3.61
CA MET B 422 -7.13 18.00 2.33
C MET B 422 -7.54 16.85 1.38
N ASP B 423 -7.21 16.98 0.10
CA ASP B 423 -7.77 16.12 -0.93
C ASP B 423 -7.13 14.74 -1.00
N GLU B 424 -7.67 13.88 -1.86
CA GLU B 424 -7.23 12.49 -1.89
C GLU B 424 -5.77 12.38 -2.28
N LEU B 425 -5.45 12.66 -3.54
CA LEU B 425 -4.09 12.45 -4.04
C LEU B 425 -3.03 13.18 -3.25
N SER B 426 -3.40 14.27 -2.58
CA SER B 426 -2.45 15.02 -1.78
C SER B 426 -2.09 14.28 -0.49
N ALA B 427 -3.10 13.89 0.27
CA ALA B 427 -2.90 13.06 1.46
C ALA B 427 -1.92 11.94 1.13
N PHE B 428 -2.14 11.34 -0.03
CA PHE B 428 -1.29 10.30 -0.56
C PHE B 428 0.17 10.73 -0.58
N SER B 429 0.43 11.87 -1.22
CA SER B 429 1.79 12.41 -1.38
C SER B 429 2.34 12.96 -0.08
N ALA B 430 1.46 13.46 0.78
CA ALA B 430 1.89 13.95 2.08
C ALA B 430 2.40 12.84 2.99
N VAL B 431 1.58 11.82 3.25
CA VAL B 431 2.02 10.74 4.13
C VAL B 431 3.26 10.10 3.56
N ALA B 432 3.29 9.95 2.24
CA ALA B 432 4.44 9.35 1.58
C ALA B 432 5.69 10.21 1.74
N ALA B 433 5.50 11.51 1.88
CA ALA B 433 6.63 12.43 2.06
C ALA B 433 7.08 12.43 3.49
N THR B 434 6.16 12.16 4.39
CA THR B 434 6.40 12.23 5.82
C THR B 434 6.90 10.90 6.38
N LEU B 435 6.13 9.84 6.20
CA LEU B 435 6.47 8.52 6.73
C LEU B 435 7.84 8.00 6.29
N ASN B 436 8.29 8.35 5.08
CA ASN B 436 9.60 7.89 4.65
C ASN B 436 10.66 8.94 4.94
N ASN B 437 10.24 9.95 5.71
CA ASN B 437 11.09 11.10 6.00
C ASN B 437 11.78 11.59 4.73
N LEU B 438 10.95 11.94 3.75
CA LEU B 438 11.41 12.39 2.43
C LEU B 438 11.45 13.90 2.39
N GLY B 439 10.28 14.52 2.49
CA GLY B 439 10.19 15.97 2.54
C GLY B 439 9.25 16.60 1.53
N PRO B 440 9.47 16.31 0.25
CA PRO B 440 8.66 16.93 -0.79
C PRO B 440 7.40 16.12 -1.16
N GLY B 441 6.54 16.70 -2.00
CA GLY B 441 5.30 16.06 -2.40
C GLY B 441 5.50 14.97 -3.44
N LEU B 442 5.75 15.39 -4.67
CA LEU B 442 6.24 14.49 -5.72
C LEU B 442 5.21 13.84 -6.64
N GLY B 443 3.96 13.72 -6.21
CA GLY B 443 2.92 13.21 -7.09
C GLY B 443 2.77 14.02 -8.38
N GLU B 444 1.53 14.40 -8.70
CA GLU B 444 1.26 15.27 -9.85
C GLU B 444 1.42 16.72 -9.39
N VAL B 445 2.68 17.17 -9.38
CA VAL B 445 3.11 18.49 -8.91
C VAL B 445 2.04 19.27 -8.11
N ALA B 446 1.90 18.91 -6.85
CA ALA B 446 0.99 19.56 -5.91
C ALA B 446 1.69 19.66 -4.55
N LEU B 447 2.99 19.94 -4.61
CA LEU B 447 3.89 19.53 -3.53
C LEU B 447 4.17 20.53 -2.41
N HIS B 448 3.19 21.28 -1.91
CA HIS B 448 3.56 22.29 -0.91
C HIS B 448 2.79 22.46 0.39
N PHE B 449 3.44 22.03 1.47
CA PHE B 449 2.88 22.04 2.82
C PHE B 449 2.65 23.45 3.27
N GLY B 450 2.96 23.70 4.53
CA GLY B 450 2.70 25.01 5.08
C GLY B 450 1.21 25.17 4.98
N ASP B 451 0.77 26.06 4.09
CA ASP B 451 -0.66 26.33 3.89
C ASP B 451 -1.52 25.10 3.58
N VAL B 452 -1.42 24.10 4.46
CA VAL B 452 -2.27 22.94 4.43
C VAL B 452 -3.23 23.08 5.58
N ASN B 453 -4.37 22.41 5.49
CA ASN B 453 -5.23 22.26 6.65
C ASN B 453 -4.38 22.09 7.91
N ASP B 454 -4.66 22.87 8.94
CA ASP B 454 -3.80 22.89 10.13
C ASP B 454 -3.82 21.60 10.96
N LYS B 455 -5.03 21.07 11.23
CA LYS B 455 -5.17 19.76 11.87
C LYS B 455 -4.27 18.76 11.14
N ALA B 456 -4.34 18.80 9.81
CA ALA B 456 -3.51 17.97 8.94
C ALA B 456 -2.01 18.08 9.24
N LYS B 457 -1.58 19.28 9.65
CA LYS B 457 -0.17 19.50 9.99
C LYS B 457 0.24 18.64 11.16
N TRP B 458 -0.72 18.36 12.04
CA TRP B 458 -0.46 17.50 13.19
C TRP B 458 -0.41 16.04 12.76
N VAL B 459 -1.46 15.60 12.06
CA VAL B 459 -1.43 14.27 11.47
C VAL B 459 -0.07 14.04 10.79
N LEU B 460 0.40 15.05 10.07
CA LEU B 460 1.69 14.94 9.40
C LEU B 460 2.89 14.78 10.36
N ILE B 461 2.94 15.60 11.41
CA ILE B 461 4.02 15.52 12.40
C ILE B 461 4.03 14.14 13.04
N VAL B 462 2.84 13.65 13.40
CA VAL B 462 2.69 12.33 13.98
C VAL B 462 2.92 11.23 12.96
N SER B 463 3.02 11.60 11.69
CA SER B 463 3.37 10.64 10.66
C SER B 463 4.88 10.46 10.55
N MET B 464 5.64 11.55 10.70
CA MET B 464 7.09 11.46 10.58
C MET B 464 7.72 11.01 11.87
N LEU B 465 6.91 10.93 12.92
CA LEU B 465 7.37 10.29 14.14
C LEU B 465 7.41 8.80 13.91
N PHE B 466 6.39 8.30 13.20
CA PHE B 466 6.29 6.89 12.89
C PHE B 466 7.43 6.44 12.03
N GLY B 467 7.81 7.29 11.09
CA GLY B 467 8.85 6.96 10.12
C GLY B 467 10.22 6.89 10.74
N ARG B 468 10.41 7.69 11.79
CA ARG B 468 11.69 7.78 12.47
C ARG B 468 11.88 6.66 13.50
N LEU B 469 10.76 6.20 14.06
CA LEU B 469 10.77 5.15 15.06
C LEU B 469 10.51 3.78 14.43
N GLU B 470 10.50 3.75 13.10
CA GLU B 470 10.26 2.51 12.39
C GLU B 470 9.00 1.80 12.92
N ILE B 471 7.99 2.61 13.21
CA ILE B 471 6.66 2.16 13.56
C ILE B 471 6.54 1.47 14.91
N PHE B 472 6.99 0.23 15.00
CA PHE B 472 6.82 -0.53 16.23
C PHE B 472 7.08 0.29 17.49
N THR B 473 8.29 0.81 17.60
CA THR B 473 8.77 1.36 18.86
C THR B 473 7.77 2.34 19.45
N LEU B 474 6.94 2.91 18.58
CA LEU B 474 5.95 3.88 19.02
C LEU B 474 4.56 3.29 18.89
N LEU B 475 4.44 2.32 17.99
CA LEU B 475 3.17 1.65 17.80
C LEU B 475 2.87 0.85 19.05
N ILE B 476 3.94 0.37 19.68
CA ILE B 476 3.86 -0.50 20.84
C ILE B 476 3.48 0.27 22.11
N LEU B 477 3.45 1.59 22.02
CA LEU B 477 3.05 2.40 23.15
C LEU B 477 1.56 2.32 23.30
N LEU B 478 0.85 1.97 22.23
CA LEU B 478 -0.60 1.91 22.28
C LEU B 478 -1.07 0.54 22.74
N THR B 479 -0.19 -0.44 22.63
CA THR B 479 -0.48 -1.80 23.04
C THR B 479 -1.13 -1.83 24.42
N PRO B 480 -1.95 -2.86 24.67
CA PRO B 480 -2.37 -3.15 26.05
C PRO B 480 -1.20 -3.77 26.82
N THR B 481 -0.54 -4.73 26.19
CA THR B 481 0.50 -5.54 26.83
C THR B 481 1.85 -4.81 26.99
N PHE B 482 1.85 -3.51 26.81
CA PHE B 482 3.03 -2.71 27.11
C PHE B 482 2.78 -1.96 28.40
N TRP B 483 1.54 -2.05 28.89
CA TRP B 483 1.16 -1.31 30.08
C TRP B 483 0.87 -2.21 31.29
N ARG B 484 1.70 -2.06 32.32
CA ARG B 484 1.52 -2.74 33.60
C ARG B 484 2.39 -2.11 34.70
K K C . -17.81 -6.72 -8.05
K K D . 14.57 13.86 3.76
#